data_7OZ9
#
_entry.id   7OZ9
#
_cell.length_a   66.170
_cell.length_b   90.755
_cell.length_c   94.169
_cell.angle_alpha   90.000
_cell.angle_beta   98.550
_cell.angle_gamma   90.000
#
_symmetry.space_group_name_H-M   'P 1 21 1'
#
loop_
_entity.id
_entity.type
_entity.pdbx_description
1 polymer N-acetylgalactosamine-6-sulfatase
2 non-polymer 2-acetamido-2-deoxy-4-O-sulfo-beta-D-galactopyranose
3 non-polymer 2-acetamido-2-deoxy-4-O-sulfo-alpha-D-galactopyranose
4 non-polymer 'CALCIUM ION'
5 water water
#
_entity_poly.entity_id   1
_entity_poly.type   'polypeptide(L)'
_entity_poly.pdbx_seq_one_letter_code
;MGSSHHHHHHSSGLVPRGSHMASQERPNIIVFLVDDMGLMDTSVPFIADESGQPVRHPLNDWYHTPNMERLAKQGICFST
FYAQSVSSPSRASIMTGQNATRHGVTNWINAESNNRNPFGPPQWNWKGLRKDMPTMPRVLQQAGYKTIHVGKAHFGCMGS
EGENPLNIGFDVNIAGSGIGHPGSYYGEWGYGHIKGQKIRAVPDLEKYHGTDTFLSEALTIEANREITKAVEEKRPFYLN
MAHYAVHSPFQADKRFLSRYTDPDKNEQARAFATLIEGMDKSLGDIMDQLEKLGIAENTLILFLGDNGGDAPLGDERGYG
SSAPLRGKKGTEFEGGMRVPFIAAWAKPEKKSKVQKNLPIEVGSMQTQLGTIMDIYPTVLSVAGCEVPQNYVIDGFDLKK
QLSGKVDKKRPESFLMHFPHAHRGSYFTTYRMGDWKLIYYYLPETPKQPKALLYNLKDDPEERNELSAAHPDQCREMIRE
MSARLEKEGALYPVDKQGNELKPFVYF
;
_entity_poly.pdbx_strand_id   AAA,BBB
#
# COMPACT_ATOMS: atom_id res chain seq x y z
N ARG A 26 25.10 -16.26 -16.27
CA ARG A 26 24.90 -14.77 -16.11
C ARG A 26 24.18 -14.22 -17.33
N PRO A 27 23.11 -13.42 -17.14
CA PRO A 27 22.26 -13.00 -18.26
C PRO A 27 22.88 -11.83 -19.05
N ASN A 28 22.56 -11.74 -20.32
CA ASN A 28 22.79 -10.50 -21.11
C ASN A 28 21.69 -9.50 -20.74
N ILE A 29 21.99 -8.21 -20.87
CA ILE A 29 21.03 -7.13 -20.53
C ILE A 29 21.03 -6.13 -21.68
N ILE A 30 19.85 -5.81 -22.17
CA ILE A 30 19.62 -4.75 -23.18
C ILE A 30 18.71 -3.69 -22.55
N VAL A 31 19.23 -2.47 -22.47
CA VAL A 31 18.44 -1.26 -22.19
C VAL A 31 18.19 -0.61 -23.55
N PHE A 32 16.93 -0.65 -23.98
CA PHE A 32 16.47 -0.12 -25.28
C PHE A 32 15.80 1.21 -24.95
N LEU A 33 16.55 2.31 -25.14
CA LEU A 33 16.15 3.65 -24.68
C LEU A 33 15.78 4.48 -25.90
N VAL A 34 14.55 4.97 -25.94
CA VAL A 34 14.05 5.82 -27.07
C VAL A 34 14.02 7.27 -26.63
N ASP A 35 14.68 8.12 -27.41
CA ASP A 35 14.72 9.57 -27.13
C ASP A 35 13.33 10.18 -27.38
N ASP A 36 12.82 10.91 -26.38
CA ASP A 36 11.65 11.82 -26.55
C ASP A 36 10.38 11.02 -26.83
N MET A 37 10.34 9.78 -26.34
CA MET A 37 9.22 8.83 -26.52
C MET A 37 8.43 8.73 -25.22
N GLY A 38 7.20 9.24 -25.24
CA GLY A 38 6.29 9.24 -24.08
C GLY A 38 5.42 8.00 -24.09
N LEU A 39 4.64 7.79 -23.03
CA LEU A 39 3.88 6.53 -22.79
C LEU A 39 2.79 6.28 -23.86
N MET A 40 2.34 7.27 -24.63
CA MET A 40 1.27 7.09 -25.65
C MET A 40 1.80 6.87 -27.06
N ASP A 41 3.12 6.90 -27.28
CA ASP A 41 3.75 6.94 -28.61
C ASP A 41 3.95 5.52 -29.13
N THR A 42 2.89 4.70 -29.09
CA THR A 42 2.97 3.22 -29.29
C THR A 42 1.55 2.67 -29.49
N SER A 43 1.45 1.52 -30.14
CA SER A 43 0.20 0.76 -30.28
C SER A 43 -0.06 -0.05 -29.00
N VAL A 44 0.90 -0.06 -28.06
CA VAL A 44 0.76 -0.73 -26.73
C VAL A 44 0.10 0.25 -25.79
N PRO A 45 -1.04 -0.11 -25.16
CA PRO A 45 -1.70 0.81 -24.25
C PRO A 45 -1.04 0.75 -22.87
N PHE A 46 -0.62 1.91 -22.38
CA PHE A 46 0.03 2.06 -21.06
C PHE A 46 -0.94 2.71 -20.05
N ILE A 47 -2.06 3.29 -20.50
CA ILE A 47 -3.06 3.87 -19.56
C ILE A 47 -3.76 2.67 -18.89
N ALA A 48 -3.91 2.68 -17.57
CA ALA A 48 -4.59 1.62 -16.80
C ALA A 48 -5.97 2.11 -16.37
N ASP A 49 -6.98 1.24 -16.44
CA ASP A 49 -8.33 1.52 -15.87
C ASP A 49 -8.29 1.22 -14.37
N GLU A 50 -9.45 1.27 -13.68
CA GLU A 50 -9.56 1.11 -12.20
C GLU A 50 -9.28 -0.35 -11.83
N SER A 51 -9.31 -1.27 -12.79
CA SER A 51 -9.02 -2.71 -12.61
C SER A 51 -7.53 -3.03 -12.87
N GLY A 52 -6.71 -2.03 -13.14
CA GLY A 52 -5.29 -2.24 -13.51
C GLY A 52 -5.13 -2.88 -14.87
N GLN A 53 -6.14 -2.76 -15.73
CA GLN A 53 -6.12 -3.34 -17.09
C GLN A 53 -5.86 -2.22 -18.09
N PRO A 54 -5.06 -2.49 -19.15
CA PRO A 54 -4.79 -1.51 -20.20
C PRO A 54 -6.09 -0.98 -20.85
N VAL A 55 -6.15 0.31 -21.13
CA VAL A 55 -7.25 0.98 -21.89
C VAL A 55 -6.65 1.62 -23.14
N ARG A 56 -7.16 1.27 -24.30
CA ARG A 56 -6.75 1.86 -25.59
C ARG A 56 -7.26 3.31 -25.67
N HIS A 57 -6.36 4.23 -26.08
CA HIS A 57 -6.70 5.63 -26.38
C HIS A 57 -6.39 5.87 -27.86
N PRO A 58 -6.93 6.96 -28.45
CA PRO A 58 -6.77 7.21 -29.88
C PRO A 58 -5.30 7.14 -30.37
N LEU A 59 -4.32 7.64 -29.61
CA LEU A 59 -2.90 7.60 -30.08
C LEU A 59 -2.46 6.16 -30.24
N ASN A 60 -3.02 5.20 -29.50
CA ASN A 60 -2.62 3.75 -29.58
C ASN A 60 -3.08 3.15 -30.93
N ASP A 61 -4.06 3.75 -31.59
CA ASP A 61 -4.55 3.30 -32.92
C ASP A 61 -3.89 4.11 -34.05
N TRP A 62 -3.09 5.11 -33.73
CA TRP A 62 -2.35 5.94 -34.71
C TRP A 62 -0.93 5.36 -34.90
N TYR A 63 -0.18 5.18 -33.82
CA TYR A 63 1.19 4.61 -33.88
C TYR A 63 1.10 3.12 -34.21
N HIS A 64 2.16 2.53 -34.75
CA HIS A 64 2.21 1.10 -35.12
C HIS A 64 3.54 0.54 -34.63
N THR A 65 3.51 -0.19 -33.51
CA THR A 65 4.71 -0.75 -32.86
C THR A 65 4.49 -2.24 -32.63
N PRO A 66 4.45 -3.08 -33.69
CA PRO A 66 4.16 -4.51 -33.53
C PRO A 66 5.19 -5.27 -32.66
N ASN A 67 6.47 -4.88 -32.71
CA ASN A 67 7.52 -5.53 -31.87
C ASN A 67 7.37 -5.14 -30.39
N MET A 68 6.86 -3.95 -30.07
CA MET A 68 6.54 -3.56 -28.66
C MET A 68 5.38 -4.44 -28.18
N GLU A 69 4.42 -4.73 -29.04
CA GLU A 69 3.25 -5.63 -28.73
C GLU A 69 3.78 -7.03 -28.42
N ARG A 70 4.74 -7.49 -29.24
CA ARG A 70 5.43 -8.80 -29.09
C ARG A 70 6.15 -8.83 -27.73
N LEU A 71 6.88 -7.75 -27.40
CA LEU A 71 7.61 -7.66 -26.12
C LEU A 71 6.62 -7.60 -24.95
N ALA A 72 5.56 -6.77 -25.03
CA ALA A 72 4.51 -6.71 -23.98
C ALA A 72 3.86 -8.09 -23.76
N LYS A 73 3.58 -8.86 -24.82
CA LYS A 73 3.02 -10.25 -24.71
C LYS A 73 3.92 -11.13 -23.83
N GLN A 74 5.25 -10.90 -23.81
CA GLN A 74 6.25 -11.74 -23.14
C GLN A 74 6.68 -11.18 -21.79
N GLY A 75 6.12 -10.05 -21.35
CA GLY A 75 6.62 -9.31 -20.19
C GLY A 75 5.56 -8.45 -19.52
N ILE A 76 6.03 -7.45 -18.80
CA ILE A 76 5.19 -6.61 -17.91
C ILE A 76 5.34 -5.14 -18.34
N CYS A 77 4.21 -4.45 -18.48
CA CYS A 77 4.14 -2.98 -18.74
C CYS A 77 3.91 -2.26 -17.41
N PHE A 78 4.67 -1.20 -17.15
CA PHE A 78 4.40 -0.26 -16.03
C PHE A 78 3.59 0.89 -16.60
N SER A 79 2.42 1.16 -16.01
CA SER A 79 1.53 2.28 -16.42
C SER A 79 2.02 3.62 -15.86
N THR A 80 2.64 3.63 -14.67
CA THR A 80 3.29 4.81 -14.08
C THR A 80 4.80 4.60 -13.95
N PHE A 81 5.55 5.11 -14.93
CA PHE A 81 7.03 5.05 -14.92
C PHE A 81 7.56 6.46 -15.21
N TYR A 82 8.34 6.99 -14.28
CA TYR A 82 8.86 8.37 -14.29
C TYR A 82 10.27 8.45 -14.84
N ALA A 83 10.50 9.42 -15.71
CA ALA A 83 11.84 9.91 -16.10
C ALA A 83 11.93 11.40 -15.71
N GLN A 84 13.10 12.01 -15.83
CA GLN A 84 13.26 13.48 -15.74
C GLN A 84 12.59 14.08 -16.98
N SER A 85 12.42 15.40 -17.00
CA SER A 85 11.67 16.15 -18.04
C SER A 85 12.47 16.31 -19.34
N VAL A 86 13.79 16.24 -19.30
CA VAL A 86 14.67 16.34 -20.51
C VAL A 86 15.84 15.34 -20.40
N SER A 87 16.71 15.31 -21.42
CA SER A 87 17.54 14.15 -21.81
C SER A 87 18.66 13.84 -20.79
N SER A 88 19.68 14.69 -20.69
CA SER A 88 20.88 14.41 -19.88
C SER A 88 20.50 14.08 -18.44
N PRO A 89 19.54 14.79 -17.79
CA PRO A 89 19.13 14.45 -16.44
C PRO A 89 18.67 12.98 -16.34
N SER A 90 17.87 12.52 -17.30
CA SER A 90 17.35 11.12 -17.34
C SER A 90 18.50 10.13 -17.60
N ARG A 91 19.37 10.45 -18.55
CA ARG A 91 20.44 9.51 -18.97
C ARG A 91 21.45 9.40 -17.84
N ALA A 92 21.72 10.51 -17.13
CA ALA A 92 22.53 10.51 -15.89
C ALA A 92 21.88 9.63 -14.83
N SER A 93 20.58 9.84 -14.59
CA SER A 93 19.80 9.08 -13.57
C SER A 93 19.81 7.58 -13.87
N ILE A 94 19.66 7.17 -15.12
CA ILE A 94 19.65 5.74 -15.52
C ILE A 94 21.04 5.15 -15.21
N MET A 95 22.11 5.83 -15.64
CA MET A 95 23.52 5.36 -15.44
C MET A 95 23.90 5.29 -13.95
N THR A 96 23.42 6.21 -13.10
CA THR A 96 23.93 6.38 -11.71
C THR A 96 23.00 5.77 -10.66
N GLY A 97 21.73 5.53 -10.97
CA GLY A 97 20.69 5.22 -9.96
C GLY A 97 20.36 6.41 -9.06
N GLN A 98 20.89 7.59 -9.34
CA GLN A 98 20.68 8.82 -8.55
C GLN A 98 19.65 9.74 -9.24
N ASN A 99 18.87 10.42 -8.40
CA ASN A 99 17.97 11.51 -8.83
C ASN A 99 18.81 12.68 -9.37
N ALA A 100 18.24 13.54 -10.20
CA ALA A 100 18.97 14.66 -10.85
C ALA A 100 19.41 15.70 -9.80
N THR A 101 18.67 15.84 -8.72
CA THR A 101 19.08 16.56 -7.51
C THR A 101 20.53 16.18 -7.16
N ARG A 102 20.81 14.89 -7.09
CA ARG A 102 22.03 14.33 -6.49
C ARG A 102 23.19 14.26 -7.50
N HIS A 103 22.98 13.77 -8.73
CA HIS A 103 24.10 13.73 -9.72
C HIS A 103 24.35 15.14 -10.25
N GLY A 104 23.39 16.06 -10.09
CA GLY A 104 23.58 17.47 -10.42
C GLY A 104 23.32 17.81 -11.89
N VAL A 105 23.08 16.82 -12.76
CA VAL A 105 22.78 17.10 -14.20
C VAL A 105 21.27 17.40 -14.30
N THR A 106 20.88 18.66 -14.06
CA THR A 106 19.47 19.06 -13.90
C THR A 106 18.96 19.66 -15.21
N ASN A 107 19.86 19.97 -16.15
CA ASN A 107 19.47 20.40 -17.51
C ASN A 107 19.95 19.37 -18.53
N TRP A 108 19.37 19.38 -19.74
CA TRP A 108 20.03 18.76 -20.90
C TRP A 108 21.33 19.51 -21.15
N ILE A 109 22.37 18.79 -21.57
CA ILE A 109 23.72 19.38 -21.69
C ILE A 109 23.89 19.91 -23.11
N ASN A 110 24.17 21.19 -23.23
CA ASN A 110 24.59 21.82 -24.51
C ASN A 110 26.09 21.54 -24.68
N ALA A 111 26.49 20.87 -25.75
CA ALA A 111 27.86 20.33 -25.85
C ALA A 111 28.92 21.44 -25.77
N GLU A 112 28.64 22.58 -26.41
CA GLU A 112 29.62 23.64 -26.76
C GLU A 112 29.74 24.68 -25.66
N SER A 113 28.67 24.92 -24.88
CA SER A 113 28.64 26.01 -23.89
C SER A 113 27.68 25.64 -22.76
N ASN A 114 28.01 26.10 -21.55
CA ASN A 114 27.28 25.82 -20.29
C ASN A 114 25.91 26.51 -20.32
N ASN A 115 24.85 25.73 -20.51
CA ASN A 115 23.46 26.25 -20.60
C ASN A 115 22.79 26.17 -19.21
N ARG A 116 23.38 26.87 -18.24
CA ARG A 116 22.79 27.18 -16.91
C ARG A 116 21.38 27.75 -17.11
N ASN A 117 21.19 28.69 -18.05
CA ASN A 117 19.97 29.52 -18.25
C ASN A 117 20.00 30.65 -17.22
N PRO A 118 19.28 31.78 -17.46
CA PRO A 118 19.35 32.95 -16.59
C PRO A 118 19.29 32.80 -15.06
N PHE A 119 18.51 31.85 -14.52
CA PHE A 119 18.24 31.68 -13.06
C PHE A 119 18.67 30.28 -12.62
N GLY A 120 19.48 29.60 -13.43
CA GLY A 120 19.93 28.23 -13.19
C GLY A 120 21.00 28.19 -12.10
N PRO A 121 21.22 27.04 -11.43
CA PRO A 121 22.21 26.97 -10.36
C PRO A 121 23.60 27.08 -10.97
N PRO A 122 24.46 28.01 -10.48
CA PRO A 122 25.78 28.21 -11.08
C PRO A 122 26.68 26.95 -11.09
N GLN A 123 26.52 26.07 -10.12
CA GLN A 123 27.35 24.83 -10.02
C GLN A 123 26.58 23.58 -10.50
N TRP A 124 25.53 23.72 -11.29
CA TRP A 124 24.86 22.53 -11.88
C TRP A 124 25.91 21.79 -12.73
N ASN A 125 25.71 20.48 -12.86
CA ASN A 125 26.76 19.57 -13.40
C ASN A 125 26.68 19.55 -14.93
N TRP A 126 27.01 20.68 -15.58
CA TRP A 126 27.12 20.81 -17.06
C TRP A 126 28.13 19.80 -17.60
N LYS A 127 29.24 19.58 -16.89
CA LYS A 127 30.34 18.70 -17.38
C LYS A 127 29.83 17.24 -17.52
N GLY A 128 28.95 16.82 -16.62
CA GLY A 128 28.21 15.56 -16.69
C GLY A 128 28.86 14.44 -15.89
N LEU A 129 28.72 13.21 -16.37
CA LEU A 129 29.14 11.99 -15.65
C LEU A 129 30.66 11.93 -15.62
N ARG A 130 31.22 11.43 -14.53
CA ARG A 130 32.67 11.45 -14.27
C ARG A 130 33.22 10.04 -14.31
N LYS A 131 34.51 9.96 -14.63
CA LYS A 131 35.26 8.68 -14.74
C LYS A 131 35.27 7.89 -13.41
N ASP A 132 35.04 8.52 -12.27
CA ASP A 132 35.14 7.84 -10.94
C ASP A 132 33.77 7.30 -10.50
N MET A 133 32.68 7.68 -11.16
CA MET A 133 31.31 7.25 -10.76
C MET A 133 31.15 5.76 -11.00
N PRO A 134 30.57 5.02 -10.01
CA PRO A 134 30.17 3.64 -10.22
C PRO A 134 28.86 3.55 -11.01
N THR A 135 28.92 3.90 -12.29
CA THR A 135 27.77 3.77 -13.22
C THR A 135 27.43 2.29 -13.39
N MET A 136 26.19 2.01 -13.73
CA MET A 136 25.70 0.65 -14.08
C MET A 136 26.70 -0.06 -15.00
N PRO A 137 27.06 0.47 -16.20
CA PRO A 137 28.07 -0.14 -17.06
C PRO A 137 29.42 -0.36 -16.38
N ARG A 138 29.92 0.61 -15.61
CA ARG A 138 31.25 0.45 -14.95
C ARG A 138 31.22 -0.74 -13.98
N VAL A 139 30.16 -0.89 -13.18
CA VAL A 139 30.04 -2.01 -12.19
C VAL A 139 29.97 -3.36 -12.93
N LEU A 140 29.24 -3.42 -14.05
CA LEU A 140 29.14 -4.62 -14.91
C LEU A 140 30.50 -4.93 -15.55
N GLN A 141 31.19 -3.93 -16.07
CA GLN A 141 32.53 -4.06 -16.72
C GLN A 141 33.53 -4.63 -15.70
N GLN A 142 33.51 -4.13 -14.46
CA GLN A 142 34.36 -4.64 -13.35
C GLN A 142 34.04 -6.12 -13.14
N ALA A 143 32.84 -6.58 -13.43
CA ALA A 143 32.43 -7.99 -13.20
C ALA A 143 32.70 -8.87 -14.44
N GLY A 144 33.27 -8.35 -15.51
CA GLY A 144 33.64 -9.13 -16.70
C GLY A 144 32.61 -9.03 -17.82
N TYR A 145 31.52 -8.26 -17.64
CA TYR A 145 30.60 -7.96 -18.77
C TYR A 145 31.32 -7.18 -19.87
N LYS A 146 31.05 -7.53 -21.12
CA LYS A 146 31.30 -6.63 -22.27
C LYS A 146 30.18 -5.60 -22.33
N THR A 147 30.54 -4.32 -22.20
CA THR A 147 29.58 -3.19 -22.08
C THR A 147 29.64 -2.41 -23.39
N ILE A 148 28.50 -2.28 -24.05
CA ILE A 148 28.41 -1.73 -25.42
C ILE A 148 27.43 -0.56 -25.39
N HIS A 149 27.88 0.62 -25.85
CA HIS A 149 27.02 1.81 -26.06
C HIS A 149 26.81 1.97 -27.56
N VAL A 150 25.54 2.06 -27.98
CA VAL A 150 25.19 2.39 -29.40
C VAL A 150 24.21 3.56 -29.40
N GLY A 151 24.57 4.64 -30.10
CA GLY A 151 23.67 5.78 -30.40
C GLY A 151 23.90 6.96 -29.46
N LYS A 152 22.80 7.59 -29.04
CA LYS A 152 22.84 8.86 -28.31
C LYS A 152 23.44 8.59 -26.92
N ALA A 153 24.47 9.35 -26.55
CA ALA A 153 25.14 9.26 -25.23
C ALA A 153 24.64 10.44 -24.38
N HIS A 154 25.14 11.65 -24.66
CA HIS A 154 24.63 12.89 -24.05
C HIS A 154 24.87 12.84 -22.53
N PHE A 155 26.01 12.27 -22.11
CA PHE A 155 26.41 12.12 -20.69
C PHE A 155 27.35 13.26 -20.24
N GLY A 156 27.86 14.06 -21.17
CA GLY A 156 28.84 15.11 -20.84
C GLY A 156 29.00 16.12 -21.94
N CYS A 157 29.59 17.27 -21.61
CA CYS A 157 29.79 18.36 -22.56
C CYS A 157 31.06 18.08 -23.36
N MET A 158 31.32 18.91 -24.34
CA MET A 158 32.49 18.71 -25.23
C MET A 158 33.76 18.92 -24.38
N GLY A 159 34.77 18.07 -24.56
CA GLY A 159 36.03 18.16 -23.79
C GLY A 159 35.93 17.58 -22.39
N SER A 160 34.77 17.06 -21.97
CA SER A 160 34.54 16.45 -20.63
C SER A 160 34.92 14.97 -20.64
N GLU A 161 35.09 14.38 -19.44
CA GLU A 161 35.21 12.92 -19.27
C GLU A 161 34.02 12.22 -19.92
N GLY A 162 32.82 12.75 -19.67
CA GLY A 162 31.55 12.08 -19.96
C GLY A 162 31.19 12.15 -21.43
N GLU A 163 31.84 13.03 -22.19
CA GLU A 163 31.65 13.12 -23.66
C GLU A 163 31.81 11.73 -24.30
N ASN A 164 32.78 10.96 -23.80
CA ASN A 164 33.20 9.66 -24.36
C ASN A 164 32.70 8.56 -23.45
N PRO A 165 31.66 7.79 -23.84
CA PRO A 165 31.17 6.64 -23.08
C PRO A 165 32.26 5.67 -22.58
N LEU A 166 33.40 5.60 -23.27
CA LEU A 166 34.52 4.71 -22.84
C LEU A 166 35.05 5.18 -21.49
N ASN A 167 34.75 6.41 -21.05
CA ASN A 167 35.27 6.96 -19.78
C ASN A 167 34.32 6.63 -18.63
N ILE A 168 33.12 6.12 -18.91
CA ILE A 168 32.12 5.85 -17.83
C ILE A 168 31.73 4.37 -17.82
N GLY A 169 32.58 3.47 -18.31
CA GLY A 169 32.38 2.02 -18.12
C GLY A 169 32.02 1.22 -19.35
N PHE A 170 31.98 1.82 -20.54
CA PHE A 170 31.71 1.10 -21.80
C PHE A 170 33.04 0.64 -22.40
N ASP A 171 33.09 -0.60 -22.85
CA ASP A 171 34.15 -1.20 -23.70
C ASP A 171 34.01 -0.68 -25.13
N VAL A 172 32.78 -0.42 -25.56
CA VAL A 172 32.50 -0.10 -27.00
C VAL A 172 31.55 1.09 -27.04
N ASN A 173 31.83 2.03 -27.95
CA ASN A 173 30.94 3.17 -28.28
C ASN A 173 30.79 3.25 -29.79
N ILE A 174 29.57 3.10 -30.30
CA ILE A 174 29.24 3.46 -31.70
C ILE A 174 28.26 4.64 -31.69
N ALA A 175 28.71 5.81 -32.17
CA ALA A 175 27.87 6.97 -32.56
C ALA A 175 27.51 7.88 -31.38
N GLY A 176 28.09 7.69 -30.20
CA GLY A 176 27.81 8.48 -29.00
C GLY A 176 28.83 9.60 -28.85
N SER A 177 28.38 10.78 -28.44
CA SER A 177 29.27 11.90 -28.07
C SER A 177 28.48 12.80 -27.12
N GLY A 178 28.83 14.09 -27.07
CA GLY A 178 28.12 15.11 -26.28
C GLY A 178 26.86 15.57 -26.98
N ILE A 179 26.64 15.19 -28.24
CA ILE A 179 25.45 15.67 -29.01
C ILE A 179 24.17 15.04 -28.44
N GLY A 180 23.09 15.80 -28.46
CA GLY A 180 21.78 15.40 -27.92
C GLY A 180 20.74 15.14 -28.98
N HIS A 181 21.09 15.25 -30.27
CA HIS A 181 20.18 14.94 -31.41
C HIS A 181 21.01 14.76 -32.66
N PRO A 182 20.48 14.17 -33.76
CA PRO A 182 21.28 13.97 -34.98
C PRO A 182 21.19 15.12 -36.00
N GLY A 183 22.26 15.35 -36.74
CA GLY A 183 22.31 16.39 -37.79
C GLY A 183 21.38 16.06 -38.94
N SER A 184 21.09 14.77 -39.14
CA SER A 184 20.08 14.22 -40.07
C SER A 184 19.85 12.73 -39.74
N TYR A 185 18.67 12.22 -40.10
CA TYR A 185 18.39 10.77 -40.05
C TYR A 185 18.82 10.11 -41.37
N TYR A 186 19.10 10.87 -42.43
CA TYR A 186 19.28 10.33 -43.80
C TYR A 186 20.74 9.92 -44.03
N GLY A 187 20.96 8.70 -44.47
CA GLY A 187 22.30 8.22 -44.87
C GLY A 187 22.85 9.03 -46.03
N GLU A 188 21.98 9.46 -46.96
CA GLU A 188 22.39 10.28 -48.14
C GLU A 188 22.99 11.59 -47.64
N TRP A 189 22.50 12.10 -46.50
CA TRP A 189 22.98 13.36 -45.87
C TRP A 189 24.15 13.10 -44.92
N GLY A 190 24.63 11.86 -44.84
CA GLY A 190 25.74 11.48 -43.93
C GLY A 190 25.41 11.78 -42.47
N TYR A 191 24.12 11.76 -42.13
CA TYR A 191 23.59 12.01 -40.76
C TYR A 191 24.09 13.38 -40.26
N GLY A 192 24.30 14.31 -41.17
CA GLY A 192 24.75 15.67 -40.86
C GLY A 192 26.08 16.03 -41.51
N HIS A 193 26.88 15.05 -41.95
CA HIS A 193 28.24 15.31 -42.51
C HIS A 193 28.16 15.84 -43.95
N ILE A 194 27.12 15.47 -44.69
CA ILE A 194 26.98 15.84 -46.12
C ILE A 194 25.93 16.95 -46.23
N LYS A 195 24.82 16.81 -45.51
CA LYS A 195 23.73 17.81 -45.51
C LYS A 195 23.10 17.81 -44.13
N GLY A 196 22.51 18.93 -43.74
CA GLY A 196 21.81 19.09 -42.46
C GLY A 196 22.70 19.83 -41.48
N GLN A 197 22.62 19.52 -40.19
CA GLN A 197 23.29 20.31 -39.15
C GLN A 197 24.65 19.69 -38.80
N LYS A 198 25.73 20.23 -39.34
CA LYS A 198 27.10 19.67 -39.27
C LYS A 198 27.53 19.53 -37.81
N ILE A 199 27.23 20.50 -36.95
CA ILE A 199 27.70 20.48 -35.55
C ILE A 199 26.94 19.41 -34.76
N ARG A 200 25.92 18.75 -35.35
CA ARG A 200 25.28 17.58 -34.71
C ARG A 200 25.44 16.33 -35.60
N ALA A 201 26.35 16.34 -36.58
CA ALA A 201 26.62 15.16 -37.43
C ALA A 201 26.86 13.94 -36.51
N VAL A 202 26.19 12.83 -36.77
CA VAL A 202 26.37 11.58 -35.98
C VAL A 202 27.73 10.98 -36.34
N PRO A 203 28.58 10.67 -35.35
CA PRO A 203 29.87 10.06 -35.65
C PRO A 203 29.80 8.53 -35.88
N ASP A 204 30.88 7.96 -36.44
CA ASP A 204 31.21 6.51 -36.42
C ASP A 204 30.42 5.69 -37.46
N LEU A 205 29.69 6.31 -38.40
CA LEU A 205 28.78 5.61 -39.33
C LEU A 205 29.16 5.95 -40.78
N GLU A 206 30.45 6.24 -41.01
CA GLU A 206 30.96 6.71 -42.33
C GLU A 206 30.60 5.68 -43.40
N LYS A 207 30.55 4.38 -43.09
CA LYS A 207 30.36 3.34 -44.14
C LYS A 207 28.91 3.41 -44.68
N TYR A 208 27.99 4.14 -44.03
CA TYR A 208 26.55 4.27 -44.42
C TYR A 208 26.32 5.56 -45.22
N HIS A 209 27.27 6.48 -45.20
CA HIS A 209 27.11 7.82 -45.83
C HIS A 209 26.92 7.64 -47.34
N GLY A 210 25.93 8.33 -47.89
CA GLY A 210 25.62 8.25 -49.32
C GLY A 210 24.64 7.13 -49.62
N THR A 211 24.45 6.17 -48.70
CA THR A 211 23.49 5.06 -48.88
C THR A 211 22.12 5.55 -48.43
N ASP A 212 21.07 4.78 -48.69
CA ASP A 212 19.70 5.19 -48.27
C ASP A 212 19.39 4.60 -46.89
N THR A 213 20.40 4.17 -46.13
CA THR A 213 20.22 3.56 -44.78
C THR A 213 19.76 4.65 -43.81
N PHE A 214 18.58 4.49 -43.23
CA PHE A 214 18.06 5.42 -42.21
C PHE A 214 18.91 5.28 -40.93
N LEU A 215 19.13 6.38 -40.21
CA LEU A 215 19.97 6.38 -39.00
C LEU A 215 19.56 5.21 -38.08
N SER A 216 18.27 5.03 -37.81
CA SER A 216 17.79 4.01 -36.85
C SER A 216 18.17 2.60 -37.33
N GLU A 217 18.22 2.39 -38.65
CA GLU A 217 18.61 1.10 -39.28
C GLU A 217 20.11 0.86 -39.10
N ALA A 218 20.92 1.86 -39.42
CA ALA A 218 22.38 1.86 -39.26
C ALA A 218 22.72 1.48 -37.82
N LEU A 219 22.04 2.06 -36.83
CA LEU A 219 22.37 1.77 -35.41
C LEU A 219 22.06 0.30 -35.08
N THR A 220 20.94 -0.23 -35.61
CA THR A 220 20.47 -1.62 -35.39
C THR A 220 21.49 -2.63 -35.93
N ILE A 221 21.95 -2.41 -37.16
CA ILE A 221 22.95 -3.27 -37.86
C ILE A 221 24.19 -3.32 -36.97
N GLU A 222 24.64 -2.16 -36.49
CA GLU A 222 25.88 -2.00 -35.68
C GLU A 222 25.69 -2.71 -34.33
N ALA A 223 24.58 -2.49 -33.63
CA ALA A 223 24.22 -3.18 -32.37
C ALA A 223 24.20 -4.70 -32.57
N ASN A 224 23.56 -5.19 -33.63
CA ASN A 224 23.46 -6.65 -33.89
C ASN A 224 24.86 -7.22 -34.18
N ARG A 225 25.72 -6.47 -34.86
CA ARG A 225 27.14 -6.88 -35.07
C ARG A 225 27.84 -6.98 -33.70
N GLU A 226 27.67 -6.00 -32.80
CA GLU A 226 28.33 -6.05 -31.46
C GLU A 226 27.78 -7.24 -30.65
N ILE A 227 26.47 -7.47 -30.65
CA ILE A 227 25.86 -8.63 -29.95
C ILE A 227 26.52 -9.93 -30.45
N THR A 228 26.63 -10.09 -31.77
CA THR A 228 27.20 -11.30 -32.41
C THR A 228 28.62 -11.50 -31.90
N LYS A 229 29.43 -10.43 -31.89
CA LYS A 229 30.85 -10.47 -31.48
C LYS A 229 30.95 -10.86 -30.00
N ALA A 230 30.09 -10.32 -29.14
CA ALA A 230 30.05 -10.65 -27.69
C ALA A 230 29.75 -12.15 -27.52
N VAL A 231 28.81 -12.69 -28.28
CA VAL A 231 28.43 -14.12 -28.15
C VAL A 231 29.63 -14.99 -28.57
N GLU A 232 30.30 -14.69 -29.69
CA GLU A 232 31.46 -15.50 -30.18
C GLU A 232 32.62 -15.44 -29.19
N GLU A 233 32.83 -14.29 -28.53
CA GLU A 233 33.86 -14.08 -27.48
C GLU A 233 33.42 -14.74 -26.17
N LYS A 234 32.20 -15.27 -26.12
CA LYS A 234 31.63 -16.02 -24.98
C LYS A 234 31.69 -15.14 -23.73
N ARG A 235 31.30 -13.88 -23.86
CA ARG A 235 31.18 -12.97 -22.70
C ARG A 235 29.73 -12.52 -22.60
N PRO A 236 29.21 -12.37 -21.36
CA PRO A 236 27.88 -11.81 -21.15
C PRO A 236 28.00 -10.32 -21.51
N PHE A 237 26.96 -9.74 -22.10
CA PHE A 237 27.03 -8.32 -22.52
C PHE A 237 25.91 -7.49 -21.88
N TYR A 238 26.21 -6.21 -21.75
CA TYR A 238 25.27 -5.11 -21.46
C TYR A 238 25.26 -4.25 -22.73
N LEU A 239 24.12 -4.08 -23.37
CA LEU A 239 23.95 -3.21 -24.55
C LEU A 239 23.04 -2.07 -24.13
N ASN A 240 23.57 -0.86 -24.26
CA ASN A 240 22.84 0.42 -24.13
C ASN A 240 22.43 0.79 -25.55
N MET A 241 21.23 0.37 -25.98
CA MET A 241 20.70 0.65 -27.34
C MET A 241 19.91 1.96 -27.23
N ALA A 242 20.62 3.08 -27.37
CA ALA A 242 20.12 4.45 -27.15
C ALA A 242 19.87 5.10 -28.51
N HIS A 243 18.65 4.94 -29.05
CA HIS A 243 18.26 5.53 -30.34
C HIS A 243 18.33 7.07 -30.33
N TYR A 244 18.71 7.63 -31.46
CA TYR A 244 18.57 9.08 -31.73
C TYR A 244 17.08 9.35 -31.95
N ALA A 245 16.38 8.44 -32.64
CA ALA A 245 14.90 8.40 -32.73
C ALA A 245 14.37 8.48 -31.30
N VAL A 246 13.31 9.27 -31.05
CA VAL A 246 12.49 9.95 -32.05
C VAL A 246 12.61 11.48 -31.90
N HIS A 247 13.82 11.98 -31.66
CA HIS A 247 14.09 13.44 -31.50
C HIS A 247 13.95 14.12 -32.86
N SER A 248 13.49 15.37 -32.87
CA SER A 248 13.64 16.30 -34.03
C SER A 248 15.12 16.32 -34.46
N PRO A 249 15.45 16.59 -35.74
CA PRO A 249 14.49 16.95 -36.78
C PRO A 249 13.62 15.77 -37.20
N PHE A 250 12.31 16.01 -37.27
CA PHE A 250 11.31 14.99 -37.64
C PHE A 250 11.41 14.81 -39.16
N GLN A 251 12.35 13.97 -39.60
CA GLN A 251 12.61 13.64 -41.02
C GLN A 251 11.94 12.29 -41.34
N ALA A 252 10.88 12.31 -42.16
CA ALA A 252 10.04 11.13 -42.41
C ALA A 252 10.90 9.99 -42.97
N ASP A 253 10.67 8.78 -42.47
CA ASP A 253 11.24 7.53 -43.02
C ASP A 253 10.30 7.05 -44.14
N LYS A 254 10.78 7.06 -45.38
CA LYS A 254 9.98 6.62 -46.57
C LYS A 254 9.54 5.15 -46.45
N ARG A 255 10.17 4.34 -45.60
CA ARG A 255 9.84 2.90 -45.43
C ARG A 255 8.43 2.79 -44.86
N PHE A 256 7.93 3.83 -44.20
CA PHE A 256 6.71 3.72 -43.37
C PHE A 256 5.71 4.86 -43.64
N LEU A 257 6.09 5.92 -44.36
CA LEU A 257 5.30 7.19 -44.43
C LEU A 257 3.89 6.89 -44.96
N SER A 258 3.73 5.92 -45.88
CA SER A 258 2.44 5.75 -46.59
C SER A 258 1.31 5.32 -45.65
N ARG A 259 1.64 4.79 -44.45
N ARG A 259 1.60 4.75 -44.46
CA ARG A 259 0.68 4.32 -43.42
CA ARG A 259 0.55 4.33 -43.49
C ARG A 259 0.04 5.48 -42.65
C ARG A 259 -0.12 5.57 -42.84
N TYR A 260 0.55 6.72 -42.79
CA TYR A 260 0.16 7.85 -41.88
C TYR A 260 -0.53 8.99 -42.66
N THR A 261 -1.88 9.02 -42.64
CA THR A 261 -2.70 9.90 -43.54
C THR A 261 -3.84 10.61 -42.79
N ASP A 262 -3.80 10.69 -41.46
CA ASP A 262 -4.86 11.36 -40.66
C ASP A 262 -4.85 12.85 -41.00
N PRO A 263 -5.98 13.39 -41.50
CA PRO A 263 -6.04 14.81 -41.88
C PRO A 263 -5.75 15.82 -40.76
N ASP A 264 -5.89 15.41 -39.48
CA ASP A 264 -5.69 16.31 -38.32
C ASP A 264 -4.26 16.14 -37.77
N LYS A 265 -3.39 15.37 -38.41
CA LYS A 265 -1.97 15.27 -38.02
C LYS A 265 -1.11 15.92 -39.11
N ASN A 266 -0.32 16.94 -38.78
CA ASN A 266 0.48 17.69 -39.79
C ASN A 266 1.66 16.82 -40.26
N GLU A 267 2.45 17.34 -41.19
CA GLU A 267 3.57 16.63 -41.83
C GLU A 267 4.56 16.22 -40.73
N GLN A 268 4.81 17.09 -39.76
CA GLN A 268 5.77 16.79 -38.66
C GLN A 268 5.28 15.57 -37.86
N ALA A 269 4.01 15.51 -37.48
CA ALA A 269 3.41 14.39 -36.72
C ALA A 269 3.50 13.09 -37.52
N ARG A 270 3.30 13.12 -38.83
CA ARG A 270 3.40 11.90 -39.66
C ARG A 270 4.87 11.44 -39.68
N ALA A 271 5.82 12.37 -39.83
CA ALA A 271 7.27 12.06 -39.81
C ALA A 271 7.60 11.38 -38.46
N PHE A 272 7.13 11.95 -37.35
CA PHE A 272 7.33 11.44 -35.98
C PHE A 272 6.79 10.01 -35.87
N ALA A 273 5.61 9.75 -36.41
CA ALA A 273 5.03 8.38 -36.44
C ALA A 273 6.00 7.41 -37.16
N THR A 274 6.61 7.82 -38.28
CA THR A 274 7.58 6.97 -39.01
C THR A 274 8.85 6.74 -38.17
N LEU A 275 9.27 7.71 -37.34
CA LEU A 275 10.44 7.51 -36.46
C LEU A 275 10.07 6.45 -35.41
N ILE A 276 8.85 6.48 -34.89
CA ILE A 276 8.34 5.45 -33.94
C ILE A 276 8.33 4.07 -34.60
N GLU A 277 7.85 3.96 -35.85
CA GLU A 277 7.71 2.64 -36.48
C GLU A 277 9.10 2.06 -36.78
N GLY A 278 10.06 2.90 -37.14
CA GLY A 278 11.45 2.50 -37.43
C GLY A 278 12.19 2.11 -36.17
N MET A 279 11.91 2.82 -35.09
CA MET A 279 12.37 2.45 -33.73
C MET A 279 11.89 1.02 -33.42
N ASP A 280 10.61 0.74 -33.65
CA ASP A 280 9.97 -0.57 -33.36
C ASP A 280 10.57 -1.68 -34.24
N LYS A 281 10.91 -1.38 -35.51
CA LYS A 281 11.59 -2.33 -36.43
C LYS A 281 12.95 -2.73 -35.82
N SER A 282 13.67 -1.76 -35.26
CA SER A 282 14.99 -1.94 -34.61
C SER A 282 14.83 -2.92 -33.45
N LEU A 283 13.81 -2.72 -32.60
CA LEU A 283 13.51 -3.62 -31.45
C LEU A 283 13.27 -5.04 -31.97
N GLY A 284 12.48 -5.18 -33.05
CA GLY A 284 12.23 -6.50 -33.67
C GLY A 284 13.50 -7.15 -34.22
N ASP A 285 14.37 -6.39 -34.89
CA ASP A 285 15.61 -6.94 -35.52
C ASP A 285 16.55 -7.39 -34.38
N ILE A 286 16.55 -6.69 -33.25
CA ILE A 286 17.44 -7.09 -32.12
C ILE A 286 16.88 -8.38 -31.53
N MET A 287 15.56 -8.45 -31.31
CA MET A 287 14.92 -9.68 -30.77
C MET A 287 15.18 -10.87 -31.71
N ASP A 288 15.06 -10.69 -33.02
CA ASP A 288 15.33 -11.76 -34.03
C ASP A 288 16.78 -12.24 -33.94
N GLN A 289 17.73 -11.31 -33.79
CA GLN A 289 19.18 -11.61 -33.71
C GLN A 289 19.42 -12.44 -32.45
N LEU A 290 18.74 -12.14 -31.35
CA LEU A 290 18.90 -12.91 -30.09
C LEU A 290 18.43 -14.35 -30.35
N GLU A 291 17.30 -14.52 -31.05
CA GLU A 291 16.69 -15.84 -31.36
C GLU A 291 17.64 -16.61 -32.29
N LYS A 292 18.16 -15.96 -33.34
CA LYS A 292 19.10 -16.54 -34.34
C LYS A 292 20.37 -17.05 -33.62
N LEU A 293 20.86 -16.36 -32.59
CA LEU A 293 22.10 -16.74 -31.86
C LEU A 293 21.81 -17.76 -30.76
N GLY A 294 20.53 -18.03 -30.47
CA GLY A 294 20.10 -18.97 -29.43
C GLY A 294 20.30 -18.43 -28.02
N ILE A 295 20.24 -17.12 -27.80
CA ILE A 295 20.57 -16.52 -26.45
C ILE A 295 19.36 -15.77 -25.90
N ALA A 296 18.18 -15.85 -26.53
CA ALA A 296 16.99 -15.06 -26.15
C ALA A 296 16.56 -15.42 -24.73
N GLU A 297 16.70 -16.70 -24.36
CA GLU A 297 16.32 -17.25 -23.03
C GLU A 297 17.20 -16.62 -21.96
N ASN A 298 18.37 -16.14 -22.36
CA ASN A 298 19.45 -15.63 -21.47
C ASN A 298 19.50 -14.10 -21.49
N THR A 299 18.60 -13.43 -22.19
CA THR A 299 18.71 -11.96 -22.42
C THR A 299 17.48 -11.25 -21.88
N LEU A 300 17.68 -10.36 -20.90
CA LEU A 300 16.65 -9.43 -20.37
C LEU A 300 16.64 -8.15 -21.21
N ILE A 301 15.44 -7.68 -21.57
CA ILE A 301 15.26 -6.42 -22.34
C ILE A 301 14.47 -5.46 -21.45
N LEU A 302 15.03 -4.27 -21.21
CA LEU A 302 14.30 -3.17 -20.56
C LEU A 302 14.09 -2.06 -21.61
N PHE A 303 12.83 -1.69 -21.83
CA PHE A 303 12.40 -0.78 -22.91
C PHE A 303 11.79 0.45 -22.23
N LEU A 304 12.29 1.63 -22.56
CA LEU A 304 11.70 2.90 -22.07
C LEU A 304 12.08 4.07 -22.97
N GLY A 305 11.41 5.20 -22.73
CA GLY A 305 11.80 6.53 -23.23
C GLY A 305 12.59 7.29 -22.19
N ASP A 306 13.29 8.34 -22.59
CA ASP A 306 14.24 9.06 -21.71
C ASP A 306 13.55 10.26 -21.02
N ASN A 307 12.41 10.73 -21.53
CA ASN A 307 11.69 11.88 -20.93
C ASN A 307 10.30 11.91 -21.54
N GLY A 308 9.46 12.85 -21.10
CA GLY A 308 8.12 13.01 -21.67
C GLY A 308 8.18 13.09 -23.19
N GLY A 309 7.10 12.64 -23.83
CA GLY A 309 6.96 12.57 -25.29
C GLY A 309 7.00 13.92 -25.96
N ASP A 310 7.69 14.01 -27.09
CA ASP A 310 7.84 15.28 -27.86
C ASP A 310 7.04 15.23 -29.18
N ALA A 311 6.03 14.37 -29.29
CA ALA A 311 5.22 14.30 -30.53
C ALA A 311 4.71 15.70 -30.87
N PRO A 312 4.81 16.13 -32.15
CA PRO A 312 4.28 17.43 -32.55
C PRO A 312 2.77 17.37 -32.85
N LEU A 313 1.96 17.35 -31.78
CA LEU A 313 0.48 17.17 -31.82
C LEU A 313 -0.17 18.18 -30.88
N GLY A 314 -1.25 18.83 -31.29
CA GLY A 314 -2.12 19.58 -30.36
C GLY A 314 -1.39 20.75 -29.73
N ASP A 315 -1.58 20.95 -28.42
CA ASP A 315 -1.11 22.13 -27.65
C ASP A 315 -0.12 21.67 -26.58
N GLU A 316 1.07 22.29 -26.55
CA GLU A 316 2.24 21.90 -25.73
C GLU A 316 1.84 21.88 -24.24
N ARG A 317 1.09 22.87 -23.73
CA ARG A 317 0.76 22.99 -22.28
C ARG A 317 -0.69 22.56 -22.02
N GLY A 318 -1.41 22.15 -23.07
CA GLY A 318 -2.70 21.44 -22.97
C GLY A 318 -2.57 19.94 -23.17
N TYR A 319 -3.46 19.38 -24.02
CA TYR A 319 -3.53 17.95 -24.38
C TYR A 319 -3.04 17.83 -25.82
N GLY A 320 -2.10 16.91 -26.05
CA GLY A 320 -1.58 16.62 -27.40
C GLY A 320 -0.59 15.47 -27.40
N SER A 321 0.66 15.74 -27.05
CA SER A 321 1.81 14.81 -27.19
C SER A 321 1.56 13.51 -26.40
N SER A 322 0.97 13.57 -25.20
CA SER A 322 0.65 12.39 -24.36
C SER A 322 -0.84 12.31 -23.96
N ALA A 323 -1.78 12.82 -24.77
CA ALA A 323 -3.23 12.74 -24.44
C ALA A 323 -3.59 11.28 -24.18
N PRO A 324 -4.33 10.95 -23.09
CA PRO A 324 -5.13 11.92 -22.33
C PRO A 324 -4.39 12.70 -21.23
N LEU A 325 -3.10 12.46 -21.02
CA LEU A 325 -2.32 13.17 -19.97
C LEU A 325 -2.01 14.59 -20.49
N ARG A 326 -1.79 15.52 -19.59
CA ARG A 326 -1.46 16.93 -19.90
C ARG A 326 0.04 17.09 -20.23
N GLY A 327 0.33 17.94 -21.20
CA GLY A 327 1.67 18.54 -21.36
C GLY A 327 2.54 17.76 -22.32
N LYS A 328 3.84 17.97 -22.22
CA LYS A 328 4.79 17.57 -23.25
C LYS A 328 6.15 17.49 -22.58
N LYS A 329 7.11 16.87 -23.27
CA LYS A 329 8.56 17.01 -22.96
C LYS A 329 8.87 18.42 -22.43
N GLY A 330 9.54 18.45 -21.29
CA GLY A 330 10.14 19.65 -20.70
C GLY A 330 9.14 20.44 -19.88
N THR A 331 7.86 20.01 -19.80
CA THR A 331 6.83 20.65 -18.94
C THR A 331 6.85 19.98 -17.56
N GLU A 332 6.18 20.63 -16.61
CA GLU A 332 5.97 20.27 -15.19
C GLU A 332 4.81 19.28 -15.07
N PHE A 333 4.11 18.98 -16.16
CA PHE A 333 2.90 18.12 -16.14
C PHE A 333 3.33 16.66 -16.32
N GLU A 334 2.40 15.74 -16.18
CA GLU A 334 2.67 14.28 -16.30
C GLU A 334 3.27 14.00 -17.70
N GLY A 335 2.82 14.72 -18.74
CA GLY A 335 3.34 14.58 -20.12
C GLY A 335 4.83 14.93 -20.24
N GLY A 336 5.37 15.62 -19.22
CA GLY A 336 6.78 16.01 -19.18
C GLY A 336 7.70 14.86 -18.79
N MET A 337 7.18 13.80 -18.15
N MET A 337 7.17 13.83 -18.10
CA MET A 337 8.05 12.80 -17.45
CA MET A 337 7.97 12.85 -17.32
C MET A 337 7.40 11.42 -17.32
C MET A 337 7.50 11.38 -17.48
N ARG A 338 6.29 11.11 -18.02
CA ARG A 338 5.70 9.74 -18.06
C ARG A 338 6.14 8.99 -19.31
N VAL A 339 6.97 7.95 -19.15
CA VAL A 339 7.60 7.20 -20.26
C VAL A 339 7.01 5.80 -20.28
N PRO A 340 7.06 5.11 -21.44
CA PRO A 340 6.67 3.72 -21.50
C PRO A 340 7.78 2.92 -20.80
N PHE A 341 7.42 1.78 -20.24
CA PHE A 341 8.39 0.84 -19.63
C PHE A 341 7.87 -0.57 -19.82
N ILE A 342 8.66 -1.43 -20.46
CA ILE A 342 8.37 -2.88 -20.61
C ILE A 342 9.62 -3.61 -20.16
N ALA A 343 9.46 -4.63 -19.31
CA ALA A 343 10.53 -5.58 -18.96
C ALA A 343 10.06 -6.96 -19.41
N ALA A 344 10.94 -7.68 -20.12
CA ALA A 344 10.69 -9.03 -20.65
C ALA A 344 12.02 -9.76 -20.85
N TRP A 345 12.04 -11.05 -20.51
CA TRP A 345 13.00 -12.00 -21.11
C TRP A 345 12.66 -12.12 -22.59
N ALA A 346 13.67 -12.13 -23.47
CA ALA A 346 13.54 -12.12 -24.94
C ALA A 346 12.83 -13.40 -25.41
N LYS A 347 12.99 -14.51 -24.65
CA LYS A 347 12.21 -15.77 -24.75
C LYS A 347 11.91 -16.29 -23.35
N PRO A 348 10.70 -16.05 -22.80
CA PRO A 348 10.36 -16.60 -21.48
C PRO A 348 10.50 -18.15 -21.48
N GLU A 349 10.93 -18.71 -20.35
CA GLU A 349 11.26 -20.14 -20.24
C GLU A 349 11.35 -20.49 -18.75
N LYS A 350 10.34 -21.18 -18.21
CA LYS A 350 10.24 -21.51 -16.75
C LYS A 350 11.47 -22.33 -16.33
N LYS A 351 12.02 -23.14 -17.24
CA LYS A 351 13.19 -24.04 -17.00
C LYS A 351 14.46 -23.24 -16.72
N SER A 352 14.57 -22.01 -17.25
CA SER A 352 15.80 -21.16 -17.28
C SER A 352 16.27 -20.81 -15.87
N LYS A 353 17.57 -20.98 -15.59
CA LYS A 353 18.19 -20.71 -14.27
C LYS A 353 18.13 -19.20 -14.03
N VAL A 354 18.68 -18.40 -14.97
CA VAL A 354 18.81 -16.91 -14.84
C VAL A 354 17.42 -16.28 -14.68
N GLN A 355 16.38 -16.85 -15.28
CA GLN A 355 15.01 -16.28 -15.22
C GLN A 355 14.43 -16.46 -13.81
N LYS A 356 14.89 -17.45 -13.05
CA LYS A 356 14.46 -17.73 -11.66
C LYS A 356 14.92 -16.61 -10.70
N ASN A 357 16.02 -15.93 -11.02
CA ASN A 357 16.51 -14.72 -10.29
C ASN A 357 15.60 -13.49 -10.54
N LEU A 358 14.82 -13.49 -11.63
CA LEU A 358 13.94 -12.33 -11.98
C LEU A 358 12.72 -12.80 -12.75
N PRO A 359 11.77 -13.49 -12.09
CA PRO A 359 10.57 -13.95 -12.78
C PRO A 359 9.65 -12.76 -13.11
N ILE A 360 9.18 -12.70 -14.35
CA ILE A 360 8.29 -11.60 -14.83
C ILE A 360 6.92 -12.19 -15.16
N GLU A 361 5.85 -11.62 -14.62
CA GLU A 361 4.46 -12.00 -14.95
C GLU A 361 4.19 -11.57 -16.40
N VAL A 362 4.12 -12.55 -17.29
CA VAL A 362 4.01 -12.42 -18.78
C VAL A 362 2.66 -11.79 -19.14
N GLY A 363 2.66 -10.76 -19.99
CA GLY A 363 1.45 -10.16 -20.58
C GLY A 363 0.63 -9.38 -19.57
N SER A 364 1.24 -8.83 -18.53
CA SER A 364 0.51 -8.18 -17.41
C SER A 364 0.87 -6.70 -17.36
N MET A 365 0.13 -5.95 -16.56
CA MET A 365 0.37 -4.51 -16.30
C MET A 365 0.65 -4.32 -14.80
N GLN A 366 1.68 -3.56 -14.49
CA GLN A 366 2.01 -3.15 -13.10
C GLN A 366 1.61 -1.69 -12.94
N THR A 367 0.74 -1.39 -11.97
CA THR A 367 0.22 0.00 -11.77
C THR A 367 0.95 0.72 -10.65
N GLN A 368 1.79 0.03 -9.86
CA GLN A 368 2.61 0.72 -8.83
C GLN A 368 3.77 1.41 -9.54
N LEU A 369 3.98 2.67 -9.19
CA LEU A 369 4.99 3.64 -9.66
C LEU A 369 6.38 2.98 -9.70
N GLY A 370 7.11 3.23 -10.80
CA GLY A 370 8.55 2.97 -10.92
C GLY A 370 9.25 4.21 -11.45
N THR A 371 10.57 4.30 -11.29
CA THR A 371 11.37 5.44 -11.81
C THR A 371 12.60 4.90 -12.54
N ILE A 372 13.19 5.74 -13.39
CA ILE A 372 14.45 5.41 -14.13
C ILE A 372 15.61 5.16 -13.14
N MET A 373 15.57 5.65 -11.92
CA MET A 373 16.63 5.36 -10.91
C MET A 373 16.57 3.90 -10.48
N ASP A 374 15.42 3.25 -10.68
CA ASP A 374 15.19 1.85 -10.23
C ASP A 374 15.89 0.86 -11.17
N ILE A 375 16.32 1.29 -12.35
CA ILE A 375 16.96 0.40 -13.34
C ILE A 375 18.29 -0.08 -12.75
N TYR A 376 19.12 0.81 -12.17
CA TYR A 376 20.49 0.53 -11.63
C TYR A 376 20.43 -0.68 -10.70
N PRO A 377 19.70 -0.63 -9.57
CA PRO A 377 19.68 -1.74 -8.62
C PRO A 377 19.06 -3.02 -9.20
N THR A 378 18.08 -2.92 -10.11
CA THR A 378 17.43 -4.09 -10.75
C THR A 378 18.43 -4.81 -11.65
N VAL A 379 19.16 -4.08 -12.49
CA VAL A 379 20.12 -4.70 -13.45
C VAL A 379 21.30 -5.30 -12.67
N LEU A 380 21.84 -4.59 -11.68
CA LEU A 380 23.08 -5.09 -11.02
C LEU A 380 22.74 -6.39 -10.29
N SER A 381 21.55 -6.48 -9.71
CA SER A 381 21.16 -7.69 -8.96
C SER A 381 20.99 -8.86 -9.94
N VAL A 382 20.30 -8.67 -11.05
CA VAL A 382 20.03 -9.83 -11.94
C VAL A 382 21.38 -10.28 -12.53
N ALA A 383 22.33 -9.36 -12.67
CA ALA A 383 23.64 -9.64 -13.29
C ALA A 383 24.58 -10.36 -12.31
N GLY A 384 24.16 -10.59 -11.06
CA GLY A 384 24.98 -11.26 -10.02
C GLY A 384 25.95 -10.30 -9.34
N CYS A 385 25.78 -9.01 -9.56
CA CYS A 385 26.55 -7.93 -8.90
C CYS A 385 25.71 -7.39 -7.74
N GLU A 386 26.27 -6.46 -6.98
CA GLU A 386 25.52 -5.77 -5.91
C GLU A 386 25.65 -4.28 -6.14
N VAL A 387 24.64 -3.51 -5.78
CA VAL A 387 24.78 -2.05 -5.55
C VAL A 387 25.93 -1.91 -4.56
N PRO A 388 27.01 -1.18 -4.87
CA PRO A 388 28.06 -0.96 -3.88
C PRO A 388 27.39 -0.46 -2.60
N GLN A 389 27.66 -1.13 -1.48
CA GLN A 389 27.00 -0.92 -0.17
C GLN A 389 27.10 0.55 0.23
N ASN A 390 28.17 1.26 -0.10
CA ASN A 390 28.41 2.62 0.45
C ASN A 390 28.12 3.71 -0.57
N TYR A 391 27.51 3.36 -1.72
CA TYR A 391 27.16 4.31 -2.78
C TYR A 391 25.69 4.68 -2.61
N VAL A 392 25.38 5.95 -2.44
CA VAL A 392 24.00 6.40 -2.09
C VAL A 392 23.19 6.50 -3.39
N ILE A 393 22.13 5.71 -3.53
CA ILE A 393 21.24 5.72 -4.73
C ILE A 393 19.81 6.08 -4.33
N ASP A 394 19.02 6.44 -5.32
CA ASP A 394 17.64 6.94 -5.12
C ASP A 394 16.69 5.95 -5.77
N GLY A 395 17.20 4.77 -6.13
CA GLY A 395 16.48 3.72 -6.87
C GLY A 395 16.17 2.54 -5.99
N PHE A 396 15.19 1.72 -6.41
CA PHE A 396 14.78 0.48 -5.71
C PHE A 396 14.73 -0.66 -6.71
N ASP A 397 15.24 -1.82 -6.29
CA ASP A 397 15.15 -3.09 -7.03
C ASP A 397 13.67 -3.33 -7.40
N LEU A 398 13.38 -3.48 -8.70
CA LEU A 398 12.02 -3.70 -9.23
C LEU A 398 11.59 -5.18 -9.17
N LYS A 399 12.43 -6.09 -8.66
CA LYS A 399 12.15 -7.56 -8.72
C LYS A 399 10.71 -7.85 -8.28
N LYS A 400 10.25 -7.34 -7.13
CA LYS A 400 8.88 -7.63 -6.62
C LYS A 400 7.83 -7.10 -7.61
N GLN A 401 7.96 -5.87 -8.08
CA GLN A 401 7.00 -5.28 -9.07
C GLN A 401 7.01 -6.06 -10.40
N LEU A 402 8.17 -6.56 -10.83
CA LEU A 402 8.32 -7.33 -12.10
C LEU A 402 7.55 -8.64 -12.02
N SER A 403 7.40 -9.24 -10.82
CA SER A 403 6.57 -10.46 -10.56
C SER A 403 5.08 -10.12 -10.63
N GLY A 404 4.71 -8.84 -10.64
CA GLY A 404 3.31 -8.38 -10.79
C GLY A 404 2.64 -8.09 -9.45
N LYS A 405 3.43 -7.93 -8.39
CA LYS A 405 2.92 -7.63 -7.04
C LYS A 405 3.30 -6.20 -6.65
N VAL A 406 2.54 -5.62 -5.72
CA VAL A 406 2.83 -4.31 -5.10
C VAL A 406 4.01 -4.52 -4.15
N ASP A 407 5.05 -3.70 -4.24
CA ASP A 407 6.27 -3.81 -3.40
C ASP A 407 6.24 -2.76 -2.29
N LYS A 408 6.00 -3.15 -1.05
CA LYS A 408 5.87 -2.17 0.06
C LYS A 408 7.25 -1.68 0.50
N LYS A 409 8.35 -2.24 -0.01
CA LYS A 409 9.73 -1.80 0.36
C LYS A 409 10.13 -0.55 -0.45
N ARG A 410 9.32 -0.11 -1.42
CA ARG A 410 9.66 1.10 -2.23
C ARG A 410 8.49 2.07 -2.13
N PRO A 411 8.76 3.40 -2.13
CA PRO A 411 7.71 4.41 -1.98
C PRO A 411 7.08 4.77 -3.33
N GLU A 412 5.82 5.22 -3.29
CA GLU A 412 5.09 5.78 -4.47
C GLU A 412 5.44 7.27 -4.55
N SER A 413 6.67 7.60 -4.94
CA SER A 413 7.21 8.96 -4.86
C SER A 413 8.19 9.23 -6.01
N PHE A 414 8.12 10.44 -6.58
CA PHE A 414 9.07 10.92 -7.60
C PHE A 414 9.24 12.42 -7.40
N LEU A 415 10.49 12.87 -7.38
N LEU A 415 10.48 12.87 -7.34
CA LEU A 415 10.88 14.29 -7.19
CA LEU A 415 10.83 14.31 -7.20
C LEU A 415 11.66 14.71 -8.43
C LEU A 415 11.63 14.70 -8.43
N MET A 416 11.08 15.61 -9.23
CA MET A 416 11.65 16.04 -10.53
C MET A 416 12.03 17.51 -10.40
N HIS A 417 13.32 17.77 -10.19
CA HIS A 417 13.91 19.09 -9.89
C HIS A 417 14.41 19.73 -11.19
N PHE A 418 13.79 20.83 -11.64
CA PHE A 418 14.18 21.52 -12.89
C PHE A 418 14.43 23.00 -12.63
N PRO A 419 15.58 23.36 -12.03
CA PRO A 419 15.94 24.77 -11.84
C PRO A 419 16.51 25.39 -13.12
N HIS A 420 15.86 25.17 -14.27
CA HIS A 420 16.32 25.68 -15.59
C HIS A 420 15.13 26.17 -16.42
N ALA A 421 15.38 26.63 -17.64
CA ALA A 421 14.37 27.21 -18.55
C ALA A 421 14.04 26.20 -19.64
N HIS A 422 12.76 25.86 -19.81
CA HIS A 422 12.26 25.04 -20.95
C HIS A 422 10.78 25.36 -21.17
N ARG A 423 9.97 24.39 -21.59
CA ARG A 423 8.53 24.62 -21.84
C ARG A 423 7.88 24.92 -20.51
N GLY A 424 8.35 24.30 -19.42
CA GLY A 424 8.18 24.80 -18.05
C GLY A 424 9.52 25.26 -17.50
N SER A 425 9.54 26.21 -16.58
CA SER A 425 10.80 26.85 -16.10
C SER A 425 10.87 26.89 -14.56
N TYR A 426 12.06 26.66 -14.02
CA TYR A 426 12.40 26.92 -12.59
C TYR A 426 11.27 26.37 -11.71
N PHE A 427 11.15 25.05 -11.70
CA PHE A 427 10.12 24.34 -10.89
C PHE A 427 10.72 23.06 -10.30
N THR A 428 10.04 22.56 -9.26
CA THR A 428 10.21 21.20 -8.74
C THR A 428 8.82 20.57 -8.68
N THR A 429 8.69 19.34 -9.16
CA THR A 429 7.46 18.55 -8.93
C THR A 429 7.78 17.51 -7.85
N TYR A 430 6.80 17.23 -7.01
CA TYR A 430 6.93 16.22 -5.92
C TYR A 430 5.64 15.41 -5.86
N ARG A 431 5.74 14.14 -6.23
CA ARG A 431 4.63 13.18 -6.07
C ARG A 431 4.88 12.30 -4.84
N MET A 432 3.87 12.20 -3.99
CA MET A 432 3.84 11.30 -2.82
C MET A 432 2.43 10.72 -2.78
N GLY A 433 2.31 9.43 -3.07
CA GLY A 433 1.05 8.66 -3.17
C GLY A 433 0.16 9.24 -4.26
N ASP A 434 -1.01 9.76 -3.86
CA ASP A 434 -2.10 10.21 -4.78
C ASP A 434 -1.86 11.66 -5.19
N TRP A 435 -0.91 12.34 -4.55
CA TRP A 435 -0.78 13.82 -4.56
C TRP A 435 0.47 14.25 -5.35
N LYS A 436 0.32 15.33 -6.12
CA LYS A 436 1.46 15.93 -6.86
C LYS A 436 1.49 17.42 -6.55
N LEU A 437 2.63 17.89 -6.04
CA LEU A 437 2.91 19.32 -5.82
C LEU A 437 3.72 19.81 -7.03
N ILE A 438 3.36 20.96 -7.60
CA ILE A 438 4.25 21.71 -8.54
C ILE A 438 4.65 23.01 -7.85
N TYR A 439 5.94 23.19 -7.57
CA TYR A 439 6.47 24.39 -6.89
C TYR A 439 7.21 25.25 -7.92
N TYR A 440 6.78 26.48 -8.13
CA TYR A 440 7.43 27.48 -9.03
C TYR A 440 8.21 28.50 -8.20
N TYR A 441 9.53 28.52 -8.39
CA TYR A 441 10.47 29.40 -7.68
C TYR A 441 10.27 30.83 -8.14
N LEU A 442 9.78 31.02 -9.37
CA LEU A 442 9.54 32.33 -10.01
C LEU A 442 10.69 33.28 -9.72
N PRO A 443 11.90 33.03 -10.27
CA PRO A 443 13.09 33.79 -9.88
C PRO A 443 13.02 35.30 -10.16
N GLU A 444 12.15 35.74 -11.08
CA GLU A 444 11.97 37.17 -11.40
C GLU A 444 11.19 37.84 -10.28
N THR A 445 10.40 37.08 -9.52
CA THR A 445 9.67 37.60 -8.32
C THR A 445 9.93 36.65 -7.17
N PRO A 446 11.19 36.54 -6.70
CA PRO A 446 11.61 35.42 -5.87
C PRO A 446 11.04 35.40 -4.44
N LYS A 447 10.44 36.51 -4.00
CA LYS A 447 9.74 36.62 -2.68
C LYS A 447 8.32 36.08 -2.82
N GLN A 448 7.82 35.89 -4.04
CA GLN A 448 6.44 35.45 -4.28
C GLN A 448 6.41 34.18 -5.10
N PRO A 449 6.88 33.02 -4.57
CA PRO A 449 6.80 31.75 -5.30
C PRO A 449 5.34 31.27 -5.38
N LYS A 450 5.06 30.22 -6.15
CA LYS A 450 3.70 29.69 -6.33
C LYS A 450 3.76 28.16 -6.28
N ALA A 451 2.85 27.55 -5.52
CA ALA A 451 2.69 26.09 -5.43
C ALA A 451 1.31 25.69 -5.99
N LEU A 452 1.27 24.65 -6.83
CA LEU A 452 0.00 24.04 -7.29
C LEU A 452 -0.07 22.62 -6.74
N LEU A 453 -1.31 22.14 -6.54
CA LEU A 453 -1.59 20.80 -6.00
C LEU A 453 -2.60 20.07 -6.89
N TYR A 454 -2.28 18.83 -7.23
CA TYR A 454 -3.20 17.93 -7.97
C TYR A 454 -3.29 16.60 -7.19
N ASN A 455 -4.49 16.02 -7.19
CA ASN A 455 -4.73 14.62 -6.79
C ASN A 455 -4.77 13.79 -8.06
N LEU A 456 -3.68 13.07 -8.37
CA LEU A 456 -3.53 12.30 -9.62
C LEU A 456 -4.39 11.04 -9.59
N LYS A 457 -4.76 10.55 -8.40
CA LYS A 457 -5.68 9.39 -8.28
C LYS A 457 -7.06 9.81 -8.82
N ASP A 458 -7.57 10.96 -8.38
CA ASP A 458 -8.90 11.50 -8.79
C ASP A 458 -8.82 12.21 -10.14
N ASP A 459 -7.64 12.75 -10.49
CA ASP A 459 -7.49 13.75 -11.57
C ASP A 459 -6.18 13.53 -12.33
N PRO A 460 -6.02 12.37 -12.98
CA PRO A 460 -4.76 12.00 -13.62
C PRO A 460 -4.36 12.93 -14.79
N GLU A 461 -5.34 13.68 -15.33
CA GLU A 461 -5.17 14.61 -16.49
C GLU A 461 -4.87 16.05 -16.02
N GLU A 462 -4.67 16.26 -14.71
CA GLU A 462 -4.26 17.59 -14.16
C GLU A 462 -5.21 18.69 -14.65
N ARG A 463 -6.50 18.48 -14.46
CA ARG A 463 -7.60 19.42 -14.83
C ARG A 463 -8.12 20.20 -13.62
N ASN A 464 -7.86 19.73 -12.41
CA ASN A 464 -8.56 20.23 -11.20
C ASN A 464 -7.55 20.62 -10.11
N GLU A 465 -6.91 21.77 -10.30
CA GLU A 465 -5.90 22.31 -9.35
C GLU A 465 -6.63 22.60 -8.03
N LEU A 466 -6.15 22.11 -6.89
CA LEU A 466 -6.99 22.15 -5.67
C LEU A 466 -6.18 22.59 -4.45
N SER A 467 -5.11 23.37 -4.63
CA SER A 467 -4.34 23.94 -3.50
C SER A 467 -5.26 24.84 -2.62
N ALA A 468 -6.18 25.61 -3.23
CA ALA A 468 -7.15 26.47 -2.48
C ALA A 468 -8.04 25.61 -1.57
N ALA A 469 -8.45 24.43 -2.02
CA ALA A 469 -9.39 23.54 -1.30
C ALA A 469 -8.66 22.69 -0.25
N HIS A 470 -7.37 22.42 -0.42
CA HIS A 470 -6.56 21.59 0.51
C HIS A 470 -5.28 22.33 0.88
N PRO A 471 -5.38 23.49 1.53
CA PRO A 471 -4.21 24.30 1.84
C PRO A 471 -3.21 23.60 2.78
N ASP A 472 -3.68 22.69 3.64
CA ASP A 472 -2.81 21.99 4.62
C ASP A 472 -2.03 20.85 3.95
N GLN A 473 -2.67 20.12 3.01
CA GLN A 473 -1.99 19.08 2.19
C GLN A 473 -0.89 19.78 1.39
N CYS A 474 -1.18 20.98 0.86
CA CYS A 474 -0.23 21.77 0.04
C CYS A 474 0.94 22.18 0.92
N ARG A 475 0.69 22.78 2.09
CA ARG A 475 1.76 23.17 3.07
C ARG A 475 2.62 21.96 3.45
N GLU A 476 1.99 20.83 3.77
CA GLU A 476 2.71 19.57 4.16
C GLU A 476 3.60 19.11 2.99
N MET A 477 3.11 19.16 1.75
CA MET A 477 3.89 18.68 0.57
C MET A 477 5.12 19.57 0.36
N ILE A 478 4.97 20.88 0.54
CA ILE A 478 6.10 21.83 0.42
C ILE A 478 7.18 21.48 1.45
N ARG A 479 6.80 21.24 2.72
CA ARG A 479 7.78 20.87 3.78
C ARG A 479 8.45 19.54 3.41
N GLU A 480 7.70 18.50 3.02
CA GLU A 480 8.26 17.17 2.63
C GLU A 480 9.22 17.32 1.44
N MET A 481 8.80 18.04 0.41
CA MET A 481 9.64 18.29 -0.79
C MET A 481 10.92 19.03 -0.38
N SER A 482 10.78 20.09 0.40
CA SER A 482 11.89 20.91 0.93
C SER A 482 12.90 20.01 1.64
N ALA A 483 12.44 19.14 2.52
CA ALA A 483 13.30 18.20 3.29
C ALA A 483 13.98 17.21 2.33
N ARG A 484 13.27 16.74 1.30
N ARG A 484 13.27 16.72 1.31
CA ARG A 484 13.85 15.76 0.36
CA ARG A 484 13.81 15.74 0.33
C ARG A 484 14.90 16.42 -0.54
C ARG A 484 14.89 16.42 -0.53
N LEU A 485 14.65 17.64 -1.01
CA LEU A 485 15.68 18.40 -1.80
C LEU A 485 16.96 18.53 -0.94
N GLU A 486 16.83 18.85 0.34
CA GLU A 486 18.01 18.98 1.24
C GLU A 486 18.66 17.60 1.42
N LYS A 487 17.87 16.54 1.61
CA LYS A 487 18.41 15.16 1.81
C LYS A 487 19.22 14.73 0.57
N GLU A 488 18.83 15.18 -0.63
CA GLU A 488 19.45 14.75 -1.90
C GLU A 488 20.53 15.75 -2.34
N GLY A 489 20.74 16.83 -1.60
CA GLY A 489 21.79 17.83 -1.90
C GLY A 489 21.48 18.60 -3.17
N ALA A 490 20.20 18.93 -3.41
CA ALA A 490 19.79 19.74 -4.58
C ALA A 490 20.47 21.11 -4.59
N LEU A 491 20.82 21.55 -5.80
CA LEU A 491 21.26 22.93 -6.10
C LEU A 491 20.01 23.70 -6.56
N TYR A 492 19.83 24.90 -6.03
CA TYR A 492 18.57 25.67 -6.18
C TYR A 492 18.74 26.70 -7.28
N PRO A 493 17.63 27.20 -7.87
CA PRO A 493 17.73 28.32 -8.79
C PRO A 493 18.25 29.53 -8.01
N VAL A 494 18.66 30.56 -8.74
CA VAL A 494 19.13 31.84 -8.12
C VAL A 494 18.36 33.00 -8.72
N ASP A 495 18.27 34.12 -8.01
CA ASP A 495 17.67 35.37 -8.55
C ASP A 495 18.77 36.04 -9.38
N LYS A 496 18.47 37.21 -9.93
CA LYS A 496 19.37 37.96 -10.86
C LYS A 496 20.71 38.21 -10.16
N GLN A 497 20.74 38.37 -8.82
CA GLN A 497 21.97 38.77 -8.10
C GLN A 497 22.58 37.54 -7.40
N GLY A 498 22.13 36.33 -7.74
CA GLY A 498 22.76 35.08 -7.29
C GLY A 498 22.27 34.62 -5.93
N ASN A 499 21.19 35.20 -5.39
CA ASN A 499 20.59 34.72 -4.13
C ASN A 499 19.92 33.37 -4.40
N GLU A 500 20.27 32.37 -3.62
CA GLU A 500 19.77 30.99 -3.66
C GLU A 500 18.28 30.99 -3.29
N LEU A 501 17.43 30.35 -4.09
CA LEU A 501 15.96 30.30 -3.87
C LEU A 501 15.58 28.88 -3.41
N LYS A 502 15.46 28.67 -2.10
CA LYS A 502 14.96 27.42 -1.52
C LYS A 502 13.43 27.50 -1.50
N PRO A 503 12.71 26.38 -1.66
CA PRO A 503 11.25 26.39 -1.53
C PRO A 503 10.88 26.74 -0.09
N PHE A 504 9.76 27.42 0.14
CA PHE A 504 9.29 27.70 1.53
C PHE A 504 7.75 27.77 1.52
N VAL A 505 7.12 27.51 2.67
CA VAL A 505 5.65 27.73 2.85
C VAL A 505 5.40 29.24 2.83
N TYR A 506 4.88 29.75 1.73
CA TYR A 506 4.78 31.21 1.50
C TYR A 506 3.41 31.69 1.99
N PHE A 507 2.51 30.80 2.40
CA PHE A 507 1.10 31.15 2.74
C PHE A 507 0.61 30.36 3.95
N GLU B 25 -23.45 -6.57 -8.30
CA GLU B 25 -22.69 -7.52 -7.43
C GLU B 25 -22.54 -6.87 -6.03
N ARG B 26 -23.15 -7.45 -5.00
CA ARG B 26 -22.96 -7.04 -3.58
C ARG B 26 -22.11 -8.07 -2.86
N PRO B 27 -21.26 -7.64 -1.90
CA PRO B 27 -20.25 -8.53 -1.33
C PRO B 27 -20.84 -9.32 -0.15
N ASN B 28 -20.21 -10.43 0.19
CA ASN B 28 -20.49 -11.20 1.43
C ASN B 28 -19.55 -10.67 2.51
N ILE B 29 -19.99 -10.72 3.76
CA ILE B 29 -19.20 -10.18 4.90
C ILE B 29 -19.19 -11.24 5.99
N ILE B 30 -17.99 -11.61 6.44
CA ILE B 30 -17.77 -12.48 7.61
C ILE B 30 -17.08 -11.66 8.69
N VAL B 31 -17.70 -11.55 9.87
CA VAL B 31 -17.00 -11.07 11.09
C VAL B 31 -16.64 -12.31 11.88
N PHE B 32 -15.33 -12.64 11.92
CA PHE B 32 -14.73 -13.76 12.67
C PHE B 32 -14.31 -13.20 14.03
N LEU B 33 -15.08 -13.51 15.07
CA LEU B 33 -14.93 -12.92 16.43
C LEU B 33 -14.54 -14.03 17.40
N VAL B 34 -13.36 -13.91 17.99
CA VAL B 34 -12.86 -14.88 18.98
C VAL B 34 -13.05 -14.31 20.38
N ASP B 35 -13.59 -15.13 21.27
CA ASP B 35 -13.86 -14.75 22.68
C ASP B 35 -12.54 -14.72 23.46
N ASP B 36 -12.25 -13.63 24.17
CA ASP B 36 -11.13 -13.58 25.17
C ASP B 36 -9.75 -13.72 24.46
N MET B 37 -9.66 -13.33 23.21
CA MET B 37 -8.40 -13.38 22.43
C MET B 37 -7.81 -11.97 22.35
N GLY B 38 -6.66 -11.76 22.98
CA GLY B 38 -5.92 -10.47 22.91
C GLY B 38 -4.96 -10.42 21.73
N LEU B 39 -4.36 -9.25 21.49
CA LEU B 39 -3.53 -8.96 20.28
C LEU B 39 -2.26 -9.82 20.25
N MET B 40 -1.83 -10.43 21.35
CA MET B 40 -0.61 -11.29 21.42
C MET B 40 -0.92 -12.77 21.20
N ASP B 41 -2.19 -13.19 21.11
CA ASP B 41 -2.57 -14.63 21.20
C ASP B 41 -2.57 -15.22 19.80
N THR B 42 -1.44 -15.11 19.10
CA THR B 42 -1.31 -15.34 17.63
C THR B 42 0.17 -15.39 17.26
N SER B 43 0.49 -16.12 16.18
CA SER B 43 1.82 -16.16 15.52
C SER B 43 2.01 -14.92 14.63
N VAL B 44 1.00 -14.07 14.50
CA VAL B 44 1.03 -12.78 13.73
C VAL B 44 1.36 -11.66 14.71
N PRO B 45 2.48 -10.92 14.52
CA PRO B 45 2.86 -9.85 15.43
C PRO B 45 2.04 -8.58 15.22
N PHE B 46 1.41 -8.09 16.29
CA PHE B 46 0.51 -6.90 16.26
C PHE B 46 1.19 -5.67 16.90
N ILE B 47 2.28 -5.87 17.63
CA ILE B 47 3.11 -4.76 18.18
C ILE B 47 3.89 -4.10 17.03
N ALA B 48 3.69 -2.80 16.80
CA ALA B 48 4.42 -1.96 15.82
C ALA B 48 5.61 -1.26 16.51
N ASP B 49 6.77 -1.19 15.83
CA ASP B 49 7.95 -0.42 16.28
C ASP B 49 7.75 1.06 15.93
N GLU B 50 8.78 1.90 16.19
CA GLU B 50 8.81 3.35 15.88
C GLU B 50 8.54 3.57 14.38
N SER B 51 9.06 2.69 13.51
CA SER B 51 8.88 2.72 12.02
C SER B 51 7.43 2.45 11.63
N GLY B 52 6.68 1.69 12.45
CA GLY B 52 5.35 1.16 12.10
C GLY B 52 5.46 -0.21 11.46
N GLN B 53 6.48 -0.98 11.83
CA GLN B 53 6.77 -2.35 11.32
C GLN B 53 6.48 -3.35 12.43
N PRO B 54 5.86 -4.52 12.13
CA PRO B 54 5.65 -5.53 13.16
C PRO B 54 6.95 -5.89 13.89
N VAL B 55 6.86 -6.18 15.19
CA VAL B 55 7.98 -6.65 16.07
C VAL B 55 7.52 -7.94 16.74
N ARG B 56 8.26 -9.04 16.55
CA ARG B 56 7.94 -10.36 17.16
C ARG B 56 8.33 -10.32 18.63
N HIS B 57 7.37 -10.65 19.51
CA HIS B 57 7.57 -10.86 20.96
C HIS B 57 7.46 -12.36 21.26
N PRO B 58 7.97 -12.84 22.41
CA PRO B 58 7.92 -14.27 22.75
C PRO B 58 6.58 -15.01 22.55
N LEU B 59 5.44 -14.35 22.78
CA LEU B 59 4.11 -15.03 22.69
C LEU B 59 3.80 -15.35 21.21
N ASN B 60 4.29 -14.52 20.27
CA ASN B 60 4.14 -14.75 18.81
C ASN B 60 4.85 -16.04 18.37
N ASP B 61 5.82 -16.53 19.15
CA ASP B 61 6.65 -17.73 18.82
C ASP B 61 6.14 -18.94 19.59
N TRP B 62 5.14 -18.74 20.44
CA TRP B 62 4.54 -19.79 21.30
C TRP B 62 3.23 -20.29 20.66
N TYR B 63 2.33 -19.37 20.32
CA TYR B 63 1.06 -19.65 19.63
C TYR B 63 1.35 -19.92 18.14
N HIS B 64 0.46 -20.72 17.53
CA HIS B 64 0.57 -21.18 16.13
C HIS B 64 -0.77 -20.91 15.45
N THR B 65 -0.83 -19.85 14.63
CA THR B 65 -2.03 -19.40 13.90
C THR B 65 -1.66 -19.23 12.43
N PRO B 66 -1.41 -20.34 11.68
CA PRO B 66 -0.99 -20.24 10.28
C PRO B 66 -2.04 -19.58 9.36
N ASN B 67 -3.33 -19.75 9.66
CA ASN B 67 -4.37 -19.20 8.77
C ASN B 67 -4.50 -17.70 8.98
N MET B 68 -4.23 -17.22 10.20
CA MET B 68 -4.12 -15.77 10.48
C MET B 68 -2.93 -15.19 9.70
N GLU B 69 -1.80 -15.90 9.63
CA GLU B 69 -0.61 -15.49 8.84
C GLU B 69 -1.05 -15.36 7.38
N ARG B 70 -1.75 -16.37 6.86
CA ARG B 70 -2.32 -16.40 5.49
C ARG B 70 -3.27 -15.20 5.28
N LEU B 71 -4.15 -14.91 6.24
CA LEU B 71 -5.09 -13.75 6.11
C LEU B 71 -4.29 -12.43 6.12
N ALA B 72 -3.39 -12.24 7.08
CA ALA B 72 -2.55 -11.02 7.22
C ALA B 72 -1.75 -10.76 5.94
N LYS B 73 -1.28 -11.82 5.27
CA LYS B 73 -0.49 -11.70 4.02
C LYS B 73 -1.41 -11.16 2.90
N GLN B 74 -2.72 -11.30 3.09
CA GLN B 74 -3.77 -10.94 2.11
C GLN B 74 -4.43 -9.60 2.45
N GLY B 75 -4.11 -9.00 3.59
CA GLY B 75 -4.86 -7.81 4.06
C GLY B 75 -4.05 -6.95 5.01
N ILE B 76 -4.74 -6.25 5.90
CA ILE B 76 -4.12 -5.22 6.78
C ILE B 76 -4.39 -5.56 8.25
N CYS B 77 -3.33 -5.57 9.06
CA CYS B 77 -3.35 -5.66 10.52
C CYS B 77 -3.43 -4.24 11.10
N PHE B 78 -4.30 -3.99 12.09
CA PHE B 78 -4.23 -2.78 12.94
C PHE B 78 -3.47 -3.15 14.22
N SER B 79 -2.43 -2.39 14.57
CA SER B 79 -1.65 -2.60 15.81
C SER B 79 -2.38 -2.00 17.02
N THR B 80 -3.26 -1.00 16.82
CA THR B 80 -4.07 -0.40 17.91
C THR B 80 -5.54 -0.53 17.53
N PHE B 81 -6.18 -1.61 18.02
CA PHE B 81 -7.63 -1.85 17.86
C PHE B 81 -8.23 -2.12 19.24
N TYR B 82 -9.28 -1.37 19.56
CA TYR B 82 -9.90 -1.30 20.90
C TYR B 82 -11.24 -2.02 20.88
N ALA B 83 -11.46 -2.86 21.91
CA ALA B 83 -12.78 -3.43 22.28
C ALA B 83 -13.08 -3.02 23.72
N GLN B 84 -14.30 -3.26 24.22
CA GLN B 84 -14.59 -3.04 25.66
C GLN B 84 -13.79 -4.08 26.46
N SER B 85 -13.83 -4.01 27.79
CA SER B 85 -12.99 -4.84 28.68
C SER B 85 -13.55 -6.26 28.84
N VAL B 86 -14.84 -6.46 28.58
CA VAL B 86 -15.54 -7.77 28.77
C VAL B 86 -16.56 -7.92 27.65
N SER B 87 -17.22 -9.07 27.57
CA SER B 87 -17.83 -9.59 26.32
C SER B 87 -19.06 -8.79 25.87
N SER B 88 -20.13 -8.75 26.67
CA SER B 88 -21.43 -8.21 26.20
C SER B 88 -21.31 -6.74 25.77
N PRO B 89 -20.56 -5.89 26.49
CA PRO B 89 -20.37 -4.50 26.05
C PRO B 89 -19.76 -4.38 24.65
N SER B 90 -18.72 -5.16 24.38
CA SER B 90 -18.06 -5.27 23.07
C SER B 90 -19.01 -5.81 21.98
N ARG B 91 -19.78 -6.85 22.28
CA ARG B 91 -20.63 -7.50 21.27
C ARG B 91 -21.79 -6.56 20.97
N ALA B 92 -22.30 -5.84 21.99
CA ALA B 92 -23.30 -4.77 21.81
C ALA B 92 -22.72 -3.63 20.96
N SER B 93 -21.47 -3.23 21.22
CA SER B 93 -20.76 -2.17 20.46
C SER B 93 -20.60 -2.58 18.99
N ILE B 94 -20.22 -3.83 18.71
CA ILE B 94 -20.06 -4.32 17.30
C ILE B 94 -21.42 -4.27 16.59
N MET B 95 -22.49 -4.73 17.25
CA MET B 95 -23.83 -4.84 16.62
C MET B 95 -24.41 -3.44 16.35
N THR B 96 -24.13 -2.46 17.20
CA THR B 96 -24.90 -1.16 17.24
C THR B 96 -24.11 0.00 16.62
N GLY B 97 -22.78 -0.08 16.59
CA GLY B 97 -21.86 1.02 16.26
C GLY B 97 -21.73 2.02 17.41
N GLN B 98 -22.29 1.70 18.58
CA GLN B 98 -22.36 2.62 19.75
C GLN B 98 -21.37 2.17 20.82
N ASN B 99 -20.80 3.14 21.54
CA ASN B 99 -19.94 2.93 22.72
C ASN B 99 -20.80 2.37 23.85
N ALA B 100 -20.22 1.68 24.83
CA ALA B 100 -21.00 0.98 25.89
C ALA B 100 -21.77 2.03 26.71
N THR B 101 -21.24 3.25 26.80
CA THR B 101 -21.91 4.39 27.47
C THR B 101 -23.33 4.53 26.92
N ARG B 102 -23.45 4.62 25.59
CA ARG B 102 -24.70 4.91 24.85
C ARG B 102 -25.63 3.69 24.79
N HIS B 103 -25.17 2.49 24.41
CA HIS B 103 -26.08 1.31 24.32
C HIS B 103 -26.45 0.83 25.73
N GLY B 104 -25.62 1.10 26.74
CA GLY B 104 -25.98 0.89 28.17
C GLY B 104 -25.50 -0.46 28.69
N VAL B 105 -25.09 -1.36 27.80
CA VAL B 105 -24.57 -2.70 28.20
C VAL B 105 -23.12 -2.53 28.65
N THR B 106 -22.89 -2.22 29.93
CA THR B 106 -21.57 -1.81 30.46
C THR B 106 -20.92 -2.95 31.23
N ASN B 107 -21.66 -4.03 31.49
CA ASN B 107 -21.13 -5.27 32.09
C ASN B 107 -21.39 -6.41 31.10
N TRP B 108 -20.62 -7.49 31.20
CA TRP B 108 -21.01 -8.79 30.60
C TRP B 108 -22.34 -9.22 31.25
N ILE B 109 -23.22 -9.85 30.48
CA ILE B 109 -24.62 -10.16 30.91
C ILE B 109 -24.65 -11.55 31.54
N ASN B 110 -24.98 -11.63 32.84
CA ASN B 110 -25.35 -12.90 33.52
C ASN B 110 -26.75 -13.33 33.05
N ALA B 111 -26.89 -14.48 32.38
CA ALA B 111 -28.17 -14.92 31.78
C ALA B 111 -29.29 -14.92 32.85
N GLU B 112 -29.00 -15.45 34.05
CA GLU B 112 -30.02 -15.84 35.06
C GLU B 112 -30.44 -14.66 35.95
N SER B 113 -29.57 -13.68 36.15
CA SER B 113 -29.87 -12.58 37.11
C SER B 113 -29.03 -11.34 36.80
N ASN B 114 -29.59 -10.20 37.22
CA ASN B 114 -29.04 -8.85 36.93
C ASN B 114 -27.74 -8.65 37.73
N ASN B 115 -26.58 -8.78 37.09
CA ASN B 115 -25.23 -8.66 37.71
C ASN B 115 -24.76 -7.20 37.65
N ARG B 116 -25.56 -6.29 38.20
CA ARG B 116 -25.21 -4.86 38.40
C ARG B 116 -23.87 -4.74 39.17
N ASN B 117 -23.69 -5.60 40.16
CA ASN B 117 -22.60 -5.55 41.17
C ASN B 117 -22.91 -4.43 42.15
N PRO B 118 -22.33 -4.48 43.38
CA PRO B 118 -22.74 -3.61 44.48
C PRO B 118 -22.82 -2.10 44.18
N PHE B 119 -21.91 -1.53 43.39
CA PHE B 119 -21.90 -0.06 43.08
C PHE B 119 -22.25 0.20 41.62
N GLY B 120 -22.78 -0.80 40.89
CA GLY B 120 -23.11 -0.62 39.47
C GLY B 120 -24.32 0.28 39.28
N PRO B 121 -24.50 0.87 38.09
CA PRO B 121 -25.61 1.74 37.81
C PRO B 121 -26.90 0.92 37.84
N PRO B 122 -27.92 1.32 38.65
CA PRO B 122 -29.16 0.57 38.73
C PRO B 122 -29.82 0.34 37.36
N GLN B 123 -29.71 1.29 36.42
CA GLN B 123 -30.44 1.21 35.13
C GLN B 123 -29.50 0.71 34.01
N TRP B 124 -28.35 0.12 34.31
CA TRP B 124 -27.52 -0.47 33.22
C TRP B 124 -28.37 -1.48 32.45
N ASN B 125 -28.06 -1.62 31.17
CA ASN B 125 -28.90 -2.36 30.20
C ASN B 125 -28.54 -3.88 30.25
N TRP B 126 -28.84 -4.52 31.38
CA TRP B 126 -28.73 -5.98 31.61
C TRP B 126 -29.56 -6.76 30.57
N LYS B 127 -30.71 -6.25 30.20
CA LYS B 127 -31.60 -6.94 29.22
C LYS B 127 -30.90 -7.01 27.85
N GLY B 128 -30.12 -6.00 27.46
CA GLY B 128 -29.26 -6.02 26.26
C GLY B 128 -29.94 -5.48 25.02
N LEU B 129 -29.61 -6.00 23.83
CA LEU B 129 -30.11 -5.44 22.53
C LEU B 129 -31.59 -5.74 22.34
N ARG B 130 -32.31 -4.88 21.62
CA ARG B 130 -33.79 -4.93 21.44
C ARG B 130 -34.12 -5.13 19.98
N LYS B 131 -35.30 -5.68 19.68
CA LYS B 131 -35.81 -5.85 18.30
C LYS B 131 -36.05 -4.47 17.67
N ASP B 132 -36.18 -3.40 18.46
CA ASP B 132 -36.34 -2.03 17.92
C ASP B 132 -35.01 -1.51 17.33
N MET B 133 -33.84 -2.04 17.72
CA MET B 133 -32.53 -1.42 17.39
C MET B 133 -32.12 -1.74 15.96
N PRO B 134 -31.66 -0.73 15.19
CA PRO B 134 -31.19 -0.97 13.82
C PRO B 134 -29.75 -1.51 13.85
N THR B 135 -29.59 -2.78 14.22
CA THR B 135 -28.25 -3.40 14.34
C THR B 135 -27.63 -3.57 12.95
N MET B 136 -26.32 -3.76 12.86
CA MET B 136 -25.63 -4.03 11.57
C MET B 136 -26.36 -5.15 10.83
N PRO B 137 -26.59 -6.34 11.42
CA PRO B 137 -27.37 -7.37 10.72
C PRO B 137 -28.80 -6.95 10.36
N ARG B 138 -29.51 -6.18 11.21
CA ARG B 138 -30.91 -5.84 10.89
C ARG B 138 -30.95 -5.02 9.60
N VAL B 139 -30.06 -4.03 9.47
CA VAL B 139 -29.99 -3.12 8.29
C VAL B 139 -29.64 -3.96 7.04
N LEU B 140 -28.64 -4.86 7.14
CA LEU B 140 -28.21 -5.71 6.01
C LEU B 140 -29.38 -6.62 5.58
N GLN B 141 -30.08 -7.24 6.55
CA GLN B 141 -31.27 -8.11 6.33
C GLN B 141 -32.35 -7.32 5.58
N GLN B 142 -32.59 -6.07 5.99
CA GLN B 142 -33.59 -5.15 5.37
C GLN B 142 -33.17 -4.88 3.91
N ALA B 143 -31.87 -4.81 3.61
CA ALA B 143 -31.34 -4.60 2.23
C ALA B 143 -31.23 -5.93 1.46
N GLY B 144 -31.69 -7.06 2.00
CA GLY B 144 -31.86 -8.34 1.28
C GLY B 144 -30.75 -9.35 1.55
N TYR B 145 -29.78 -9.05 2.42
CA TYR B 145 -28.74 -10.00 2.89
C TYR B 145 -29.41 -11.13 3.68
N LYS B 146 -28.96 -12.37 3.46
CA LYS B 146 -29.23 -13.48 4.41
C LYS B 146 -28.24 -13.31 5.57
N THR B 147 -28.75 -13.13 6.78
CA THR B 147 -27.90 -12.85 7.98
C THR B 147 -27.85 -14.10 8.86
N ILE B 148 -26.63 -14.55 9.19
CA ILE B 148 -26.37 -15.86 9.84
C ILE B 148 -25.56 -15.58 11.11
N HIS B 149 -26.04 -16.12 12.22
CA HIS B 149 -25.26 -16.10 13.49
C HIS B 149 -24.83 -17.53 13.82
N VAL B 150 -23.55 -17.74 14.08
CA VAL B 150 -22.99 -19.02 14.57
C VAL B 150 -22.15 -18.77 15.83
N GLY B 151 -22.52 -19.44 16.93
CA GLY B 151 -21.69 -19.52 18.13
C GLY B 151 -22.15 -18.57 19.21
N LYS B 152 -21.20 -17.97 19.94
CA LYS B 152 -21.49 -17.14 21.14
C LYS B 152 -22.28 -15.87 20.76
N ALA B 153 -23.45 -15.66 21.35
CA ALA B 153 -24.30 -14.48 21.10
C ALA B 153 -24.07 -13.49 22.26
N HIS B 154 -24.70 -13.74 23.41
CA HIS B 154 -24.44 -12.96 24.65
C HIS B 154 -24.86 -11.50 24.46
N PHE B 155 -26.00 -11.29 23.79
CA PHE B 155 -26.60 -9.98 23.45
C PHE B 155 -27.74 -9.63 24.42
N GLY B 156 -28.23 -10.61 25.17
CA GLY B 156 -29.35 -10.36 26.09
C GLY B 156 -29.44 -11.39 27.19
N CYS B 157 -30.15 -11.05 28.24
CA CYS B 157 -30.31 -11.93 29.42
C CYS B 157 -31.43 -12.93 29.11
N MET B 158 -31.60 -13.91 29.97
CA MET B 158 -32.65 -14.93 29.80
C MET B 158 -34.01 -14.22 29.80
N GLY B 159 -34.90 -14.60 28.87
CA GLY B 159 -36.27 -14.11 28.73
C GLY B 159 -36.35 -12.76 28.03
N SER B 160 -35.22 -12.18 27.59
CA SER B 160 -35.19 -10.86 26.91
C SER B 160 -35.33 -11.06 25.41
N GLU B 161 -35.54 -9.97 24.68
CA GLU B 161 -35.54 -9.98 23.19
C GLU B 161 -34.15 -10.41 22.70
N GLY B 162 -33.09 -9.88 23.28
CA GLY B 162 -31.70 -10.08 22.84
C GLY B 162 -31.16 -11.50 23.07
N GLU B 163 -31.83 -12.30 23.89
CA GLU B 163 -31.45 -13.72 24.15
C GLU B 163 -31.35 -14.47 22.84
N ASN B 164 -32.27 -14.16 21.91
CA ASN B 164 -32.48 -14.86 20.63
C ASN B 164 -31.97 -13.96 19.50
N PRO B 165 -30.80 -14.26 18.89
CA PRO B 165 -30.29 -13.46 17.78
C PRO B 165 -31.31 -13.22 16.64
N LEU B 166 -32.31 -14.09 16.48
CA LEU B 166 -33.32 -13.90 15.39
C LEU B 166 -34.13 -12.62 15.65
N ASN B 167 -34.13 -12.10 16.89
CA ASN B 167 -34.88 -10.89 17.27
C ASN B 167 -34.11 -9.61 16.93
N ILE B 168 -32.83 -9.68 16.60
CA ILE B 168 -31.99 -8.46 16.44
C ILE B 168 -31.31 -8.44 15.06
N GLY B 169 -31.87 -9.17 14.08
CA GLY B 169 -31.54 -8.94 12.65
C GLY B 169 -31.01 -10.18 11.94
N PHE B 170 -30.95 -11.33 12.62
CA PHE B 170 -30.41 -12.60 12.05
C PHE B 170 -31.53 -13.48 11.52
N ASP B 171 -31.36 -14.02 10.31
CA ASP B 171 -32.29 -15.01 9.72
C ASP B 171 -32.00 -16.40 10.27
N VAL B 172 -30.73 -16.67 10.64
CA VAL B 172 -30.25 -18.01 11.10
C VAL B 172 -29.49 -17.81 12.42
N ASN B 173 -29.79 -18.67 13.40
CA ASN B 173 -29.03 -18.78 14.68
C ASN B 173 -28.64 -20.24 14.88
N ILE B 174 -27.33 -20.53 14.92
CA ILE B 174 -26.81 -21.85 15.40
C ILE B 174 -25.99 -21.59 16.67
N ALA B 175 -26.48 -22.06 17.82
CA ALA B 175 -25.71 -22.26 19.08
C ALA B 175 -25.61 -20.96 19.91
N GLY B 176 -26.35 -19.92 19.52
CA GLY B 176 -26.41 -18.62 20.23
C GLY B 176 -27.57 -18.51 21.22
N SER B 177 -27.29 -18.00 22.41
CA SER B 177 -28.29 -17.66 23.46
C SER B 177 -27.72 -16.56 24.36
N GLY B 178 -28.17 -16.51 25.63
CA GLY B 178 -27.71 -15.54 26.64
C GLY B 178 -26.47 -16.05 27.33
N ILE B 179 -26.04 -17.27 27.05
CA ILE B 179 -24.82 -17.82 27.71
C ILE B 179 -23.57 -17.12 27.15
N GLY B 180 -22.54 -17.06 27.98
CA GLY B 180 -21.32 -16.28 27.73
C GLY B 180 -20.12 -17.17 27.67
N HIS B 181 -20.30 -18.48 27.85
CA HIS B 181 -19.22 -19.48 27.74
C HIS B 181 -19.84 -20.87 27.61
N PRO B 182 -19.08 -21.88 27.12
CA PRO B 182 -19.65 -23.20 26.87
C PRO B 182 -19.59 -24.15 28.07
N GLY B 183 -20.62 -24.98 28.24
CA GLY B 183 -20.69 -25.99 29.30
C GLY B 183 -19.51 -26.95 29.21
N SER B 184 -19.00 -27.17 28.00
CA SER B 184 -17.79 -27.97 27.70
C SER B 184 -17.44 -27.78 26.23
N TYR B 185 -16.17 -27.99 25.88
CA TYR B 185 -15.71 -28.01 24.47
C TYR B 185 -15.82 -29.42 23.85
N TYR B 186 -16.07 -30.44 24.66
CA TYR B 186 -16.02 -31.86 24.20
C TYR B 186 -17.38 -32.33 23.67
N GLY B 187 -17.41 -32.84 22.44
CA GLY B 187 -18.60 -33.47 21.85
C GLY B 187 -19.11 -34.64 22.70
N GLU B 188 -18.20 -35.42 23.27
CA GLU B 188 -18.53 -36.60 24.10
C GLU B 188 -19.32 -36.11 25.31
N TRP B 189 -19.14 -34.84 25.73
CA TRP B 189 -19.85 -34.23 26.88
C TRP B 189 -21.10 -33.47 26.40
N GLY B 190 -21.41 -33.56 25.11
CA GLY B 190 -22.53 -32.81 24.53
C GLY B 190 -22.42 -31.33 24.82
N TYR B 191 -21.20 -30.81 24.95
CA TYR B 191 -20.93 -29.37 25.12
C TYR B 191 -21.68 -28.89 26.37
N GLY B 192 -21.83 -29.80 27.36
CA GLY B 192 -22.50 -29.47 28.62
C GLY B 192 -23.74 -30.32 28.89
N HIS B 193 -24.37 -30.88 27.88
CA HIS B 193 -25.69 -31.56 28.03
C HIS B 193 -25.52 -32.95 28.63
N ILE B 194 -24.35 -33.57 28.47
CA ILE B 194 -24.05 -34.96 28.94
C ILE B 194 -23.15 -34.86 30.17
N LYS B 195 -22.05 -34.10 30.09
CA LYS B 195 -21.18 -33.80 31.26
C LYS B 195 -20.75 -32.34 31.17
N GLY B 196 -20.25 -31.80 32.28
CA GLY B 196 -19.83 -30.40 32.36
C GLY B 196 -20.92 -29.54 32.95
N GLN B 197 -20.92 -28.27 32.57
CA GLN B 197 -21.77 -27.25 33.21
C GLN B 197 -23.11 -27.15 32.45
N LYS B 198 -24.14 -27.82 32.95
CA LYS B 198 -25.44 -27.92 32.24
C LYS B 198 -26.05 -26.54 32.01
N ILE B 199 -25.95 -25.61 32.96
CA ILE B 199 -26.64 -24.29 32.77
C ILE B 199 -25.94 -23.48 31.67
N ARG B 200 -24.79 -23.93 31.16
CA ARG B 200 -24.10 -23.27 30.02
C ARG B 200 -23.97 -24.23 28.84
N ALA B 201 -24.83 -25.25 28.78
CA ALA B 201 -24.80 -26.26 27.70
C ALA B 201 -25.09 -25.52 26.37
N VAL B 202 -24.25 -25.73 25.38
CA VAL B 202 -24.37 -25.05 24.05
C VAL B 202 -25.56 -25.66 23.32
N PRO B 203 -26.50 -24.82 22.83
CA PRO B 203 -27.64 -25.30 22.05
C PRO B 203 -27.33 -25.64 20.59
N ASP B 204 -28.26 -26.39 19.97
CA ASP B 204 -28.42 -26.60 18.50
C ASP B 204 -27.30 -27.46 17.88
N LEU B 205 -26.48 -28.17 18.64
CA LEU B 205 -25.39 -29.02 18.09
C LEU B 205 -25.59 -30.50 18.48
N GLU B 206 -26.85 -30.91 18.66
CA GLU B 206 -27.25 -32.28 19.06
C GLU B 206 -26.60 -33.35 18.17
N LYS B 207 -26.44 -33.11 16.88
CA LYS B 207 -25.99 -34.17 15.95
C LYS B 207 -24.49 -34.46 16.14
N TYR B 208 -23.78 -33.64 16.94
CA TYR B 208 -22.36 -33.85 17.33
C TYR B 208 -22.24 -34.47 18.73
N HIS B 209 -23.28 -34.48 19.57
CA HIS B 209 -23.19 -35.07 20.94
C HIS B 209 -22.74 -36.54 20.88
N GLY B 210 -21.80 -36.95 21.74
CA GLY B 210 -21.30 -38.33 21.76
C GLY B 210 -20.12 -38.53 20.82
N THR B 211 -19.91 -37.63 19.85
CA THR B 211 -18.77 -37.73 18.90
C THR B 211 -17.57 -37.06 19.53
N ASP B 212 -16.38 -37.21 18.94
CA ASP B 212 -15.15 -36.56 19.45
C ASP B 212 -14.98 -35.20 18.75
N THR B 213 -16.01 -34.66 18.10
CA THR B 213 -15.99 -33.33 17.48
C THR B 213 -15.83 -32.24 18.54
N PHE B 214 -14.74 -31.52 18.48
CA PHE B 214 -14.46 -30.34 19.33
C PHE B 214 -15.47 -29.24 18.98
N LEU B 215 -15.91 -28.51 19.99
CA LEU B 215 -16.94 -27.44 19.80
C LEU B 215 -16.51 -26.49 18.65
N SER B 216 -15.26 -26.02 18.61
CA SER B 216 -14.83 -25.09 17.53
C SER B 216 -14.99 -25.72 16.13
N GLU B 217 -14.78 -27.04 16.01
CA GLU B 217 -14.94 -27.81 14.74
C GLU B 217 -16.43 -27.89 14.37
N ALA B 218 -17.28 -28.26 15.32
CA ALA B 218 -18.75 -28.32 15.10
C ALA B 218 -19.23 -26.98 14.56
N LEU B 219 -18.81 -25.86 15.17
CA LEU B 219 -19.27 -24.52 14.73
C LEU B 219 -18.83 -24.25 13.28
N THR B 220 -17.61 -24.64 12.91
CA THR B 220 -17.04 -24.44 11.55
C THR B 220 -17.87 -25.19 10.49
N ILE B 221 -18.20 -26.45 10.74
CA ILE B 221 -18.99 -27.32 9.82
C ILE B 221 -20.36 -26.67 9.62
N GLU B 222 -20.98 -26.23 10.71
CA GLU B 222 -22.29 -25.54 10.66
C GLU B 222 -22.18 -24.24 9.86
N ALA B 223 -21.19 -23.41 10.16
CA ALA B 223 -20.98 -22.13 9.43
C ALA B 223 -20.76 -22.41 7.93
N ASN B 224 -19.94 -23.41 7.60
CA ASN B 224 -19.65 -23.76 6.18
C ASN B 224 -20.92 -24.24 5.47
N ARG B 225 -21.78 -25.00 6.15
CA ARG B 225 -23.07 -25.46 5.57
C ARG B 225 -23.96 -24.24 5.31
N GLU B 226 -23.98 -23.27 6.23
CA GLU B 226 -24.84 -22.08 6.09
C GLU B 226 -24.32 -21.22 4.93
N ILE B 227 -23.02 -21.08 4.78
CA ILE B 227 -22.39 -20.34 3.65
C ILE B 227 -22.82 -21.00 2.33
N THR B 228 -22.69 -22.33 2.22
CA THR B 228 -23.05 -23.11 1.00
C THR B 228 -24.52 -22.86 0.66
N LYS B 229 -25.42 -22.89 1.64
CA LYS B 229 -26.88 -22.66 1.44
C LYS B 229 -27.10 -21.27 0.84
N ALA B 230 -26.48 -20.24 1.43
CA ALA B 230 -26.56 -18.83 0.96
C ALA B 230 -26.16 -18.74 -0.51
N VAL B 231 -25.05 -19.36 -0.91
CA VAL B 231 -24.53 -19.38 -2.30
C VAL B 231 -25.56 -20.05 -3.23
N GLU B 232 -26.04 -21.23 -2.87
CA GLU B 232 -27.04 -22.01 -3.65
C GLU B 232 -28.35 -21.22 -3.80
N GLU B 233 -28.69 -20.37 -2.82
CA GLU B 233 -29.87 -19.47 -2.87
C GLU B 233 -29.52 -18.17 -3.59
N LYS B 234 -28.26 -18.01 -4.04
CA LYS B 234 -27.76 -16.82 -4.79
C LYS B 234 -28.05 -15.55 -3.97
N ARG B 235 -27.71 -15.57 -2.68
CA ARG B 235 -27.96 -14.43 -1.76
C ARG B 235 -26.65 -13.95 -1.18
N PRO B 236 -26.41 -12.63 -1.15
CA PRO B 236 -25.25 -12.09 -0.46
C PRO B 236 -25.48 -12.35 1.03
N PHE B 237 -24.44 -12.70 1.79
CA PHE B 237 -24.65 -13.09 3.20
C PHE B 237 -23.78 -12.24 4.11
N TYR B 238 -24.25 -12.09 5.35
CA TYR B 238 -23.48 -11.61 6.51
C TYR B 238 -23.38 -12.79 7.49
N LEU B 239 -22.17 -13.21 7.82
CA LEU B 239 -21.93 -14.31 8.79
C LEU B 239 -21.21 -13.74 10.00
N ASN B 240 -21.87 -13.86 11.14
CA ASN B 240 -21.32 -13.59 12.49
C ASN B 240 -20.73 -14.90 13.02
N MET B 241 -19.46 -15.16 12.74
CA MET B 241 -18.77 -16.39 13.18
C MET B 241 -18.13 -16.11 14.54
N ALA B 242 -18.92 -16.28 15.60
CA ALA B 242 -18.57 -15.91 16.98
C ALA B 242 -18.18 -17.18 17.74
N HIS B 243 -16.89 -17.51 17.79
CA HIS B 243 -16.39 -18.71 18.50
C HIS B 243 -16.72 -18.59 20.00
N TYR B 244 -17.02 -19.72 20.65
CA TYR B 244 -16.94 -19.85 22.12
C TYR B 244 -15.46 -19.87 22.52
N ALA B 245 -14.59 -20.52 21.72
CA ALA B 245 -13.11 -20.37 21.88
C ALA B 245 -12.80 -18.86 21.91
N VAL B 246 -11.90 -18.42 22.80
CA VAL B 246 -10.96 -19.20 23.60
C VAL B 246 -11.25 -19.02 25.10
N HIS B 247 -12.53 -18.95 25.46
CA HIS B 247 -13.03 -18.76 26.86
C HIS B 247 -12.79 -20.02 27.70
N SER B 248 -12.61 -19.84 29.00
CA SER B 248 -12.61 -20.96 29.96
C SER B 248 -13.98 -21.63 29.88
N PRO B 249 -14.12 -22.94 30.22
CA PRO B 249 -13.04 -23.74 30.80
C PRO B 249 -12.00 -24.10 29.72
N PHE B 250 -10.72 -24.01 30.10
CA PHE B 250 -9.53 -24.25 29.21
C PHE B 250 -9.34 -25.76 29.10
N GLN B 251 -10.11 -26.38 28.20
CA GLN B 251 -10.15 -27.85 27.97
C GLN B 251 -9.36 -28.15 26.70
N ALA B 252 -8.19 -28.78 26.86
CA ALA B 252 -7.20 -28.98 25.78
C ALA B 252 -7.85 -29.77 24.64
N ASP B 253 -7.63 -29.29 23.43
CA ASP B 253 -7.95 -30.00 22.17
C ASP B 253 -6.77 -30.93 21.84
N LYS B 254 -7.00 -32.24 21.93
CA LYS B 254 -5.99 -33.30 21.66
C LYS B 254 -5.46 -33.21 20.22
N ARG B 255 -6.21 -32.62 19.28
CA ARG B 255 -5.75 -32.46 17.88
C ARG B 255 -4.45 -31.65 17.83
N PHE B 256 -4.15 -30.80 18.82
CA PHE B 256 -3.05 -29.81 18.75
C PHE B 256 -2.09 -29.88 19.95
N LEU B 257 -2.43 -30.57 21.04
CA LEU B 257 -1.73 -30.43 22.35
C LEU B 257 -0.24 -30.78 22.19
N SER B 258 0.09 -31.79 21.39
CA SER B 258 1.47 -32.33 21.24
C SER B 258 2.49 -31.24 20.85
N ARG B 259 2.07 -30.11 20.27
CA ARG B 259 2.99 -29.04 19.77
C ARG B 259 3.50 -28.13 20.91
N TYR B 260 2.81 -28.08 22.06
CA TYR B 260 3.04 -27.08 23.15
C TYR B 260 3.85 -27.73 24.27
N THR B 261 5.18 -27.54 24.26
CA THR B 261 6.13 -28.30 25.13
C THR B 261 7.00 -27.38 26.01
N ASP B 262 6.93 -26.05 25.86
CA ASP B 262 7.75 -25.10 26.66
C ASP B 262 7.51 -25.37 28.13
N PRO B 263 8.57 -25.65 28.93
CA PRO B 263 8.40 -26.12 30.30
C PRO B 263 8.00 -25.01 31.28
N ASP B 264 8.03 -23.74 30.87
CA ASP B 264 7.51 -22.62 31.70
C ASP B 264 6.03 -22.36 31.39
N LYS B 265 5.41 -23.20 30.55
CA LYS B 265 3.96 -23.11 30.21
C LYS B 265 3.26 -24.33 30.82
N ASN B 266 2.35 -24.11 31.78
CA ASN B 266 1.62 -25.17 32.53
C ASN B 266 0.47 -25.74 31.68
N GLU B 267 -0.23 -26.74 32.22
CA GLU B 267 -1.35 -27.46 31.58
C GLU B 267 -2.39 -26.46 31.05
N GLN B 268 -2.77 -25.46 31.85
CA GLN B 268 -3.84 -24.49 31.49
C GLN B 268 -3.36 -23.60 30.34
N ALA B 269 -2.08 -23.20 30.31
CA ALA B 269 -1.54 -22.32 29.25
C ALA B 269 -1.47 -23.09 27.92
N ARG B 270 -1.14 -24.38 27.99
CA ARG B 270 -1.09 -25.30 26.84
C ARG B 270 -2.52 -25.49 26.31
N ALA B 271 -3.49 -25.73 27.19
CA ALA B 271 -4.91 -25.87 26.78
C ALA B 271 -5.33 -24.61 26.02
N PHE B 272 -5.04 -23.42 26.54
CA PHE B 272 -5.39 -22.13 25.92
C PHE B 272 -4.80 -22.08 24.51
N ALA B 273 -3.53 -22.49 24.36
CA ALA B 273 -2.82 -22.54 23.07
C ALA B 273 -3.59 -23.43 22.09
N THR B 274 -4.10 -24.58 22.52
CA THR B 274 -4.85 -25.55 21.66
C THR B 274 -6.19 -24.95 21.23
N LEU B 275 -6.85 -24.17 22.10
CA LEU B 275 -8.06 -23.40 21.71
C LEU B 275 -7.71 -22.38 20.62
N ILE B 276 -6.59 -21.67 20.75
CA ILE B 276 -6.13 -20.70 19.71
C ILE B 276 -5.92 -21.44 18.37
N GLU B 277 -5.24 -22.58 18.39
CA GLU B 277 -4.88 -23.27 17.11
C GLU B 277 -6.14 -23.89 16.47
N GLY B 278 -7.09 -24.38 17.27
CA GLY B 278 -8.40 -24.85 16.78
C GLY B 278 -9.22 -23.71 16.19
N MET B 279 -9.14 -22.53 16.78
CA MET B 279 -9.81 -21.31 16.27
C MET B 279 -9.21 -20.96 14.89
N ASP B 280 -7.89 -21.06 14.78
CA ASP B 280 -7.17 -20.71 13.52
C ASP B 280 -7.51 -21.76 12.45
N LYS B 281 -7.55 -23.05 12.80
CA LYS B 281 -8.04 -24.09 11.85
C LYS B 281 -9.44 -23.69 11.33
N SER B 282 -10.36 -23.24 12.19
CA SER B 282 -11.70 -22.78 11.79
C SER B 282 -11.60 -21.69 10.71
N LEU B 283 -10.78 -20.66 10.93
CA LEU B 283 -10.58 -19.54 9.99
C LEU B 283 -10.16 -20.11 8.63
N GLY B 284 -9.17 -21.01 8.62
CA GLY B 284 -8.66 -21.64 7.39
C GLY B 284 -9.71 -22.50 6.71
N ASP B 285 -10.53 -23.22 7.48
CA ASP B 285 -11.59 -24.08 6.91
C ASP B 285 -12.63 -23.18 6.22
N ILE B 286 -12.94 -22.01 6.80
CA ILE B 286 -13.95 -21.08 6.21
C ILE B 286 -13.36 -20.48 4.91
N MET B 287 -12.09 -20.08 4.95
CA MET B 287 -11.41 -19.50 3.76
C MET B 287 -11.39 -20.54 2.63
N ASP B 288 -11.05 -21.80 2.95
CA ASP B 288 -11.06 -22.93 1.98
C ASP B 288 -12.46 -23.05 1.37
N GLN B 289 -13.52 -23.02 2.20
CA GLN B 289 -14.92 -23.16 1.74
C GLN B 289 -15.26 -22.02 0.77
N LEU B 290 -14.79 -20.81 1.03
CA LEU B 290 -15.03 -19.64 0.14
C LEU B 290 -14.42 -19.92 -1.23
N GLU B 291 -13.20 -20.46 -1.27
CA GLU B 291 -12.44 -20.70 -2.54
C GLU B 291 -13.14 -21.83 -3.31
N LYS B 292 -13.45 -22.94 -2.63
CA LYS B 292 -14.18 -24.09 -3.20
C LYS B 292 -15.53 -23.64 -3.81
N LEU B 293 -16.22 -22.63 -3.24
CA LEU B 293 -17.52 -22.14 -3.77
C LEU B 293 -17.31 -21.06 -4.84
N GLY B 294 -16.08 -20.57 -5.02
CA GLY B 294 -15.70 -19.54 -6.02
C GLY B 294 -16.22 -18.16 -5.65
N ILE B 295 -16.39 -17.88 -4.35
CA ILE B 295 -16.92 -16.56 -3.87
C ILE B 295 -15.86 -15.83 -3.03
N ALA B 296 -14.63 -16.34 -3.00
CA ALA B 296 -13.59 -15.75 -2.12
C ALA B 296 -13.35 -14.30 -2.57
N GLU B 297 -13.43 -14.02 -3.89
CA GLU B 297 -13.19 -12.66 -4.45
C GLU B 297 -14.31 -11.71 -4.02
N ASN B 298 -15.47 -12.22 -3.60
CA ASN B 298 -16.62 -11.35 -3.21
C ASN B 298 -16.73 -11.20 -1.68
N THR B 299 -15.86 -11.85 -0.90
CA THR B 299 -16.09 -12.05 0.56
C THR B 299 -15.05 -11.26 1.37
N LEU B 300 -15.51 -10.30 2.16
CA LEU B 300 -14.65 -9.53 3.08
C LEU B 300 -14.66 -10.26 4.42
N ILE B 301 -13.47 -10.51 4.98
CA ILE B 301 -13.28 -11.08 6.35
C ILE B 301 -12.75 -9.98 7.26
N LEU B 302 -13.45 -9.73 8.37
CA LEU B 302 -12.97 -8.96 9.53
C LEU B 302 -12.73 -9.95 10.68
N PHE B 303 -11.47 -10.08 11.11
CA PHE B 303 -11.01 -10.95 12.20
C PHE B 303 -10.70 -10.06 13.39
N LEU B 304 -11.24 -10.38 14.58
CA LEU B 304 -10.87 -9.69 15.85
C LEU B 304 -11.26 -10.53 17.07
N GLY B 305 -10.75 -10.12 18.24
CA GLY B 305 -11.17 -10.56 19.58
C GLY B 305 -12.24 -9.64 20.14
N ASP B 306 -13.01 -10.08 21.13
CA ASP B 306 -14.17 -9.30 21.66
C ASP B 306 -13.75 -8.50 22.90
N ASN B 307 -12.66 -8.87 23.55
CA ASN B 307 -12.09 -8.08 24.69
C ASN B 307 -10.63 -8.49 24.87
N GLY B 308 -9.95 -7.88 25.85
CA GLY B 308 -8.54 -8.20 26.20
C GLY B 308 -8.34 -9.69 26.44
N GLY B 309 -7.12 -10.18 26.21
CA GLY B 309 -6.76 -11.60 26.26
C GLY B 309 -6.91 -12.16 27.65
N ASP B 310 -7.40 -13.40 27.77
CA ASP B 310 -7.60 -14.10 29.06
C ASP B 310 -6.65 -15.29 29.21
N ALA B 311 -5.55 -15.32 28.47
CA ALA B 311 -4.53 -16.38 28.62
C ALA B 311 -4.16 -16.55 30.11
N PRO B 312 -4.17 -17.78 30.66
CA PRO B 312 -3.79 -18.03 32.05
C PRO B 312 -2.27 -18.07 32.25
N LEU B 313 -1.63 -16.89 32.33
CA LEU B 313 -0.15 -16.75 32.33
C LEU B 313 0.34 -16.06 33.61
N GLY B 314 -0.51 -15.92 34.64
CA GLY B 314 -0.18 -15.23 35.90
C GLY B 314 -0.05 -13.74 35.72
N ASP B 315 0.30 -13.01 36.80
CA ASP B 315 0.56 -11.54 36.86
C ASP B 315 -0.57 -10.77 36.16
N GLU B 316 -1.83 -10.96 36.61
CA GLU B 316 -3.05 -10.49 35.90
C GLU B 316 -3.06 -8.96 35.76
N ARG B 317 -2.55 -8.24 36.77
CA ARG B 317 -2.53 -6.75 36.76
C ARG B 317 -1.13 -6.25 36.36
N GLY B 318 -0.22 -7.15 35.94
CA GLY B 318 1.11 -6.80 35.40
C GLY B 318 1.30 -7.27 33.97
N TYR B 319 2.32 -8.11 33.75
CA TYR B 319 2.85 -8.49 32.41
C TYR B 319 2.73 -10.00 32.29
N GLY B 320 1.72 -10.47 31.54
CA GLY B 320 1.39 -11.91 31.42
C GLY B 320 0.62 -12.19 30.13
N SER B 321 -0.71 -12.00 30.17
CA SER B 321 -1.68 -12.39 29.12
C SER B 321 -1.38 -11.68 27.79
N SER B 322 -0.95 -10.43 27.83
CA SER B 322 -0.66 -9.62 26.61
C SER B 322 0.76 -9.03 26.69
N ALA B 323 1.70 -9.66 27.39
CA ALA B 323 3.12 -9.20 27.39
C ALA B 323 3.54 -8.97 25.94
N PRO B 324 4.14 -7.81 25.58
CA PRO B 324 4.72 -6.88 26.54
C PRO B 324 3.76 -5.84 27.13
N LEU B 325 2.49 -5.81 26.67
CA LEU B 325 1.45 -4.87 27.18
C LEU B 325 1.03 -5.28 28.60
N ARG B 326 0.50 -4.33 29.35
CA ARG B 326 0.12 -4.51 30.76
C ARG B 326 -1.32 -5.03 30.84
N GLY B 327 -1.56 -5.97 31.75
CA GLY B 327 -2.91 -6.31 32.24
C GLY B 327 -3.49 -7.58 31.62
N LYS B 328 -4.82 -7.64 31.59
CA LYS B 328 -5.58 -8.87 31.27
C LYS B 328 -7.03 -8.48 31.03
N LYS B 329 -7.79 -9.37 30.40
CA LYS B 329 -9.26 -9.21 30.27
C LYS B 329 -9.81 -8.63 31.57
N GLY B 330 -10.71 -7.65 31.45
CA GLY B 330 -11.48 -7.08 32.56
C GLY B 330 -10.69 -6.04 33.35
N THR B 331 -9.42 -5.78 32.99
CA THR B 331 -8.61 -4.70 33.63
C THR B 331 -8.73 -3.38 32.86
N GLU B 332 -8.30 -2.30 33.51
CA GLU B 332 -8.31 -0.91 32.97
C GLU B 332 -7.05 -0.65 32.12
N PHE B 333 -6.08 -1.56 32.14
CA PHE B 333 -4.83 -1.43 31.33
C PHE B 333 -5.12 -1.81 29.88
N GLU B 334 -4.12 -1.66 29.00
CA GLU B 334 -4.27 -1.87 27.54
C GLU B 334 -4.59 -3.36 27.29
N GLY B 335 -4.05 -4.26 28.13
CA GLY B 335 -4.26 -5.72 28.11
C GLY B 335 -5.69 -6.12 28.42
N GLY B 336 -6.54 -5.17 28.81
CA GLY B 336 -7.98 -5.40 29.06
C GLY B 336 -8.81 -5.11 27.84
N MET B 337 -8.24 -4.44 26.82
CA MET B 337 -9.09 -3.91 25.73
C MET B 337 -8.38 -3.91 24.36
N ARG B 338 -7.14 -4.42 24.24
CA ARG B 338 -6.40 -4.41 22.94
C ARG B 338 -6.50 -5.80 22.29
N VAL B 339 -7.19 -5.84 21.15
CA VAL B 339 -7.54 -7.10 20.43
C VAL B 339 -6.78 -7.11 19.11
N PRO B 340 -6.52 -8.29 18.52
CA PRO B 340 -6.04 -8.38 17.14
C PRO B 340 -7.16 -7.88 16.21
N PHE B 341 -6.78 -7.36 15.06
CA PHE B 341 -7.71 -6.91 14.02
C PHE B 341 -7.04 -7.11 12.67
N ILE B 342 -7.71 -7.85 11.78
CA ILE B 342 -7.27 -8.07 10.36
C ILE B 342 -8.51 -7.91 9.50
N ALA B 343 -8.43 -7.02 8.51
CA ALA B 343 -9.39 -6.92 7.39
C ALA B 343 -8.68 -7.43 6.12
N ALA B 344 -9.37 -8.25 5.33
CA ALA B 344 -8.83 -8.84 4.09
C ALA B 344 -9.98 -9.39 3.25
N TRP B 345 -9.90 -9.20 1.93
CA TRP B 345 -10.73 -9.97 0.97
C TRP B 345 -10.21 -11.41 0.98
N ALA B 346 -11.13 -12.38 0.95
CA ALA B 346 -10.81 -13.83 1.02
C ALA B 346 -9.90 -14.18 -0.15
N LYS B 347 -10.08 -13.52 -1.30
CA LYS B 347 -9.07 -13.49 -2.40
C LYS B 347 -8.96 -12.09 -3.01
N PRO B 348 -7.89 -11.32 -2.72
CA PRO B 348 -7.68 -10.01 -3.35
C PRO B 348 -7.64 -10.14 -4.88
N GLU B 349 -8.40 -9.31 -5.61
CA GLU B 349 -8.52 -9.39 -7.09
C GLU B 349 -8.76 -7.98 -7.65
N LYS B 350 -7.78 -7.46 -8.40
CA LYS B 350 -7.79 -6.11 -9.06
C LYS B 350 -9.09 -5.92 -9.85
N LYS B 351 -9.59 -6.99 -10.50
CA LYS B 351 -10.74 -6.93 -11.45
C LYS B 351 -12.08 -6.91 -10.70
N SER B 352 -12.13 -7.27 -9.41
CA SER B 352 -13.40 -7.43 -8.65
C SER B 352 -14.11 -6.07 -8.49
N LYS B 353 -15.36 -5.99 -8.96
CA LYS B 353 -16.20 -4.76 -8.87
C LYS B 353 -16.43 -4.38 -7.40
N VAL B 354 -16.58 -5.35 -6.49
CA VAL B 354 -16.96 -5.08 -5.07
C VAL B 354 -15.73 -4.58 -4.32
N GLN B 355 -14.55 -5.11 -4.66
CA GLN B 355 -13.27 -4.74 -3.98
C GLN B 355 -12.88 -3.28 -4.31
N LYS B 356 -13.47 -2.69 -5.37
CA LYS B 356 -13.27 -1.25 -5.73
C LYS B 356 -13.78 -0.35 -4.61
N ASN B 357 -14.89 -0.74 -3.96
CA ASN B 357 -15.56 0.04 -2.89
C ASN B 357 -14.73 0.04 -1.61
N LEU B 358 -13.82 -0.92 -1.42
CA LEU B 358 -13.04 -1.02 -0.16
C LEU B 358 -11.68 -1.66 -0.42
N PRO B 359 -10.80 -1.03 -1.24
CA PRO B 359 -9.47 -1.59 -1.50
C PRO B 359 -8.69 -1.67 -0.18
N ILE B 360 -7.88 -2.73 -0.01
CA ILE B 360 -7.12 -3.00 1.24
C ILE B 360 -5.65 -3.16 0.89
N GLU B 361 -4.76 -2.43 1.57
CA GLU B 361 -3.28 -2.56 1.37
C GLU B 361 -2.85 -3.94 1.88
N VAL B 362 -2.46 -4.81 0.95
CA VAL B 362 -2.11 -6.23 1.19
C VAL B 362 -0.76 -6.31 1.93
N GLY B 363 -0.68 -7.10 3.00
CA GLY B 363 0.57 -7.38 3.74
C GLY B 363 1.01 -6.25 4.65
N SER B 364 0.19 -5.22 4.84
CA SER B 364 0.62 -3.98 5.54
C SER B 364 0.15 -3.98 7.00
N MET B 365 0.64 -3.00 7.75
CA MET B 365 0.27 -2.73 9.16
C MET B 365 -0.21 -1.28 9.27
N GLN B 366 -1.42 -1.09 9.80
CA GLN B 366 -2.04 0.22 10.08
C GLN B 366 -1.81 0.54 11.56
N THR B 367 -1.21 1.70 11.86
CA THR B 367 -0.81 2.09 13.24
C THR B 367 -1.77 3.12 13.84
N GLN B 368 -2.63 3.74 13.02
CA GLN B 368 -3.68 4.67 13.50
C GLN B 368 -4.84 3.84 14.07
N LEU B 369 -5.13 4.03 15.37
CA LEU B 369 -6.07 3.16 16.12
C LEU B 369 -7.46 3.14 15.47
N GLY B 370 -8.15 2.00 15.62
CA GLY B 370 -9.59 1.86 15.38
C GLY B 370 -10.26 1.29 16.63
N THR B 371 -11.58 1.23 16.62
CA THR B 371 -12.38 0.62 17.70
C THR B 371 -13.43 -0.31 17.07
N ILE B 372 -14.03 -1.17 17.89
CA ILE B 372 -15.08 -2.12 17.43
C ILE B 372 -16.31 -1.34 16.94
N MET B 373 -16.54 -0.10 17.38
CA MET B 373 -17.69 0.67 16.89
C MET B 373 -17.49 1.03 15.41
N ASP B 374 -16.25 0.98 14.89
CA ASP B 374 -15.95 1.37 13.48
C ASP B 374 -16.42 0.31 12.47
N ILE B 375 -16.74 -0.92 12.93
CA ILE B 375 -17.14 -2.04 12.03
C ILE B 375 -18.51 -1.71 11.41
N TYR B 376 -19.43 -1.17 12.19
CA TYR B 376 -20.83 -0.90 11.76
C TYR B 376 -20.82 -0.06 10.48
N PRO B 377 -20.28 1.17 10.48
CA PRO B 377 -20.33 2.02 9.28
C PRO B 377 -19.45 1.50 8.14
N THR B 378 -18.30 0.90 8.45
CA THR B 378 -17.39 0.26 7.44
C THR B 378 -18.17 -0.79 6.65
N VAL B 379 -18.86 -1.69 7.35
CA VAL B 379 -19.65 -2.80 6.76
C VAL B 379 -20.84 -2.23 6.02
N LEU B 380 -21.57 -1.28 6.62
CA LEU B 380 -22.81 -0.74 5.99
C LEU B 380 -22.43 -0.06 4.67
N SER B 381 -21.32 0.69 4.66
CA SER B 381 -20.84 1.41 3.44
C SER B 381 -20.53 0.39 2.33
N VAL B 382 -19.67 -0.59 2.58
CA VAL B 382 -19.17 -1.56 1.55
C VAL B 382 -20.33 -2.43 1.04
N ALA B 383 -21.42 -2.58 1.81
CA ALA B 383 -22.64 -3.34 1.47
C ALA B 383 -23.61 -2.51 0.62
N GLY B 384 -23.39 -1.19 0.53
CA GLY B 384 -24.30 -0.26 -0.16
C GLY B 384 -25.49 0.11 0.71
N CYS B 385 -25.25 0.30 2.02
CA CYS B 385 -26.27 0.63 3.05
C CYS B 385 -25.95 2.00 3.67
N GLU B 386 -26.97 2.70 4.16
CA GLU B 386 -26.83 4.01 4.87
C GLU B 386 -27.01 3.79 6.37
N VAL B 387 -26.23 4.51 7.18
CA VAL B 387 -26.46 4.64 8.65
C VAL B 387 -27.90 5.12 8.76
N PRO B 388 -28.80 4.46 9.52
CA PRO B 388 -30.22 4.86 9.56
C PRO B 388 -30.38 6.31 10.07
N GLN B 389 -31.39 7.03 9.56
CA GLN B 389 -31.74 8.40 10.02
C GLN B 389 -32.14 8.32 11.50
N ASN B 390 -31.76 9.33 12.30
CA ASN B 390 -32.18 9.52 13.73
C ASN B 390 -31.46 8.51 14.62
N TYR B 391 -30.28 8.04 14.20
CA TYR B 391 -29.50 6.99 14.90
C TYR B 391 -28.05 7.47 15.02
N VAL B 392 -27.59 7.66 16.25
CA VAL B 392 -26.21 8.10 16.58
C VAL B 392 -25.32 6.86 16.70
N ILE B 393 -24.22 6.83 15.94
CA ILE B 393 -23.12 5.85 16.15
C ILE B 393 -21.91 6.61 16.66
N ASP B 394 -20.98 5.89 17.28
CA ASP B 394 -19.71 6.38 17.83
C ASP B 394 -18.56 5.79 17.01
N GLY B 395 -18.87 5.22 15.85
CA GLY B 395 -17.85 4.62 14.97
C GLY B 395 -17.68 5.41 13.70
N PHE B 396 -16.54 5.19 13.04
CA PHE B 396 -16.11 5.88 11.80
C PHE B 396 -15.74 4.81 10.76
N ASP B 397 -16.26 4.97 9.55
CA ASP B 397 -15.91 4.16 8.35
C ASP B 397 -14.38 4.06 8.24
N LEU B 398 -13.80 2.85 8.24
CA LEU B 398 -12.33 2.61 8.20
C LEU B 398 -11.80 2.58 6.75
N LYS B 399 -12.65 2.86 5.75
CA LYS B 399 -12.30 2.72 4.30
C LYS B 399 -10.90 3.28 4.07
N LYS B 400 -10.66 4.50 4.55
CA LYS B 400 -9.38 5.23 4.38
C LYS B 400 -8.26 4.48 5.10
N GLN B 401 -8.44 4.11 6.36
CA GLN B 401 -7.42 3.33 7.12
C GLN B 401 -7.16 1.97 6.48
N LEU B 402 -8.15 1.38 5.78
CA LEU B 402 -8.01 0.03 5.18
C LEU B 402 -7.08 0.09 3.96
N SER B 403 -7.14 1.18 3.20
CA SER B 403 -6.22 1.51 2.08
C SER B 403 -4.78 1.71 2.59
N GLY B 404 -4.56 1.77 3.92
CA GLY B 404 -3.22 1.83 4.54
C GLY B 404 -2.76 3.27 4.80
N LYS B 405 -3.66 4.25 4.65
CA LYS B 405 -3.41 5.71 4.83
C LYS B 405 -3.94 6.16 6.20
N VAL B 406 -3.45 7.29 6.70
CA VAL B 406 -3.96 7.93 7.94
C VAL B 406 -5.28 8.64 7.59
N ASP B 407 -6.29 8.54 8.46
CA ASP B 407 -7.61 9.17 8.20
C ASP B 407 -7.74 10.35 9.18
N LYS B 408 -7.61 11.57 8.66
CA LYS B 408 -7.79 12.85 9.41
C LYS B 408 -9.24 12.98 9.88
N LYS B 409 -10.22 12.42 9.15
CA LYS B 409 -11.68 12.61 9.41
C LYS B 409 -12.19 11.76 10.59
N ARG B 410 -11.32 11.06 11.34
CA ARG B 410 -11.73 10.29 12.55
C ARG B 410 -10.70 10.49 13.65
N PRO B 411 -11.14 10.55 14.92
CA PRO B 411 -10.25 10.86 16.04
C PRO B 411 -9.38 9.69 16.50
N GLU B 412 -8.26 9.97 17.17
CA GLU B 412 -7.43 8.96 17.88
C GLU B 412 -7.95 8.81 19.33
N SER B 413 -9.21 8.42 19.46
CA SER B 413 -9.97 8.43 20.75
C SER B 413 -10.69 7.09 21.00
N PHE B 414 -10.59 6.59 22.25
CA PHE B 414 -11.43 5.49 22.80
C PHE B 414 -11.81 5.79 24.24
N LEU B 415 -13.12 5.75 24.53
CA LEU B 415 -13.70 5.91 25.90
C LEU B 415 -14.31 4.57 26.35
N MET B 416 -13.66 3.90 27.31
CA MET B 416 -14.08 2.57 27.85
C MET B 416 -14.65 2.77 29.26
N HIS B 417 -15.98 2.82 29.38
CA HIS B 417 -16.71 3.04 30.65
C HIS B 417 -17.06 1.67 31.29
N PHE B 418 -16.50 1.38 32.48
CA PHE B 418 -16.75 0.15 33.28
C PHE B 418 -17.16 0.48 34.72
N PRO B 419 -18.41 0.95 34.94
CA PRO B 419 -18.94 1.13 36.29
C PRO B 419 -19.43 -0.18 36.96
N HIS B 420 -18.61 -1.22 36.93
CA HIS B 420 -18.90 -2.57 37.46
C HIS B 420 -17.66 -3.14 38.11
N ALA B 421 -17.77 -4.36 38.64
CA ALA B 421 -16.69 -5.06 39.36
C ALA B 421 -16.14 -6.20 38.50
N HIS B 422 -14.82 -6.24 38.32
CA HIS B 422 -14.09 -7.33 37.63
C HIS B 422 -12.63 -7.31 38.13
N ARG B 423 -11.65 -7.67 37.30
CA ARG B 423 -10.21 -7.64 37.69
C ARG B 423 -9.85 -6.20 37.98
N GLY B 424 -10.39 -5.27 37.20
CA GLY B 424 -10.50 -3.85 37.56
C GLY B 424 -11.96 -3.49 37.84
N SER B 425 -12.20 -2.52 38.72
CA SER B 425 -13.54 -2.15 39.23
C SER B 425 -13.81 -0.63 39.14
N TYR B 426 -15.04 -0.29 38.69
CA TYR B 426 -15.66 1.05 38.72
C TYR B 426 -14.67 2.10 38.20
N PHE B 427 -14.49 2.12 36.88
CA PHE B 427 -13.49 2.99 36.20
C PHE B 427 -14.00 3.38 34.80
N THR B 428 -13.50 4.52 34.32
CA THR B 428 -13.55 4.94 32.90
C THR B 428 -12.10 5.15 32.46
N THR B 429 -11.71 4.60 31.31
CA THR B 429 -10.42 4.94 30.65
C THR B 429 -10.73 5.87 29.50
N TYR B 430 -9.87 6.86 29.24
CA TYR B 430 -10.09 7.85 28.16
C TYR B 430 -8.79 8.06 27.41
N ARG B 431 -8.82 7.77 26.11
CA ARG B 431 -7.69 8.01 25.18
C ARG B 431 -8.09 9.09 24.17
N MET B 432 -7.24 10.11 24.04
CA MET B 432 -7.25 11.12 22.95
C MET B 432 -5.79 11.34 22.57
N GLY B 433 -5.41 11.07 21.31
CA GLY B 433 -4.02 11.11 20.84
C GLY B 433 -3.12 10.24 21.70
N ASP B 434 -1.98 10.76 22.14
CA ASP B 434 -0.91 9.98 22.80
C ASP B 434 -1.24 9.71 24.27
N TRP B 435 -2.37 10.24 24.76
CA TRP B 435 -2.70 10.30 26.20
C TRP B 435 -3.85 9.34 26.55
N LYS B 436 -3.67 8.58 27.64
CA LYS B 436 -4.72 7.72 28.26
C LYS B 436 -4.94 8.11 29.73
N LEU B 437 -6.15 8.58 30.05
CA LEU B 437 -6.62 8.82 31.45
C LEU B 437 -7.25 7.53 32.00
N ILE B 438 -6.90 7.11 33.23
CA ILE B 438 -7.67 6.09 33.99
C ILE B 438 -8.33 6.77 35.20
N TYR B 439 -9.67 6.84 35.24
CA TYR B 439 -10.44 7.47 36.34
C TYR B 439 -11.10 6.39 37.18
N TYR B 440 -10.71 6.26 38.45
CA TYR B 440 -11.36 5.41 39.48
C TYR B 440 -12.39 6.23 40.27
N TYR B 441 -13.64 5.76 40.25
CA TYR B 441 -14.79 6.37 40.97
C TYR B 441 -14.71 6.04 42.47
N LEU B 442 -13.98 4.98 42.85
CA LEU B 442 -13.86 4.40 44.22
C LEU B 442 -15.14 4.60 45.04
N PRO B 443 -16.21 3.81 44.74
CA PRO B 443 -17.51 4.00 45.40
C PRO B 443 -17.55 3.88 46.93
N GLU B 444 -16.67 3.09 47.53
CA GLU B 444 -16.57 2.96 49.02
C GLU B 444 -16.05 4.26 49.66
N THR B 445 -15.35 5.11 48.91
CA THR B 445 -14.84 6.43 49.35
C THR B 445 -15.20 7.46 48.30
N PRO B 446 -16.50 7.69 48.02
CA PRO B 446 -16.91 8.34 46.79
C PRO B 446 -16.39 9.78 46.67
N LYS B 447 -15.82 10.28 47.77
CA LYS B 447 -15.34 11.68 47.90
C LYS B 447 -13.85 11.76 47.55
N GLN B 448 -13.15 10.61 47.50
CA GLN B 448 -11.68 10.53 47.23
C GLN B 448 -11.43 9.66 45.99
N PRO B 449 -11.85 10.11 44.78
CA PRO B 449 -11.52 9.40 43.54
C PRO B 449 -10.05 9.67 43.13
N LYS B 450 -9.40 8.68 42.50
CA LYS B 450 -8.00 8.73 41.98
C LYS B 450 -8.05 8.65 40.44
N ALA B 451 -7.21 9.45 39.77
CA ALA B 451 -7.05 9.48 38.30
C ALA B 451 -5.57 9.27 37.96
N LEU B 452 -5.28 8.37 37.02
CA LEU B 452 -3.92 8.08 36.52
C LEU B 452 -3.81 8.56 35.06
N LEU B 453 -2.60 8.88 34.64
CA LEU B 453 -2.30 9.40 33.28
C LEU B 453 -1.09 8.66 32.74
N TYR B 454 -1.13 8.35 31.43
CA TYR B 454 -0.05 7.70 30.65
C TYR B 454 -0.02 8.35 29.28
N ASN B 455 1.21 8.62 28.81
CA ASN B 455 1.49 8.88 27.37
C ASN B 455 1.77 7.50 26.78
N LEU B 456 0.89 7.02 25.91
CA LEU B 456 1.00 5.66 25.31
C LEU B 456 2.08 5.71 24.22
N LYS B 457 2.16 6.82 23.47
CA LYS B 457 3.24 7.11 22.47
C LYS B 457 4.59 6.75 23.10
N ASP B 458 4.97 7.42 24.18
CA ASP B 458 6.29 7.23 24.85
C ASP B 458 6.28 5.97 25.71
N ASP B 459 5.12 5.53 26.23
CA ASP B 459 5.05 4.48 27.29
C ASP B 459 3.90 3.50 26.99
N PRO B 460 4.03 2.64 25.94
CA PRO B 460 2.94 1.75 25.56
C PRO B 460 2.64 0.62 26.57
N GLU B 461 3.62 0.26 27.42
CA GLU B 461 3.53 -0.84 28.40
C GLU B 461 3.02 -0.36 29.77
N GLU B 462 2.60 0.91 29.87
CA GLU B 462 1.99 1.55 31.08
C GLU B 462 2.91 1.33 32.30
N ARG B 463 4.18 1.75 32.21
CA ARG B 463 5.16 1.66 33.34
C ARG B 463 5.42 3.05 33.96
N ASN B 464 5.11 4.14 33.27
CA ASN B 464 5.47 5.53 33.66
C ASN B 464 4.22 6.36 34.00
N GLU B 465 3.59 6.09 35.14
CA GLU B 465 2.44 6.87 35.67
C GLU B 465 2.92 8.31 35.91
N LEU B 466 2.26 9.30 35.32
CA LEU B 466 2.76 10.70 35.35
C LEU B 466 1.60 11.72 35.52
N SER B 467 0.69 11.43 36.46
N SER B 467 0.69 11.48 36.47
CA SER B 467 -0.38 12.37 36.92
CA SER B 467 -0.37 12.45 36.85
C SER B 467 0.29 13.57 37.62
C SER B 467 0.27 13.60 37.65
N ALA B 468 1.21 13.28 38.56
CA ALA B 468 2.07 14.25 39.27
C ALA B 468 2.72 15.22 38.26
N ALA B 469 3.44 14.69 37.29
CA ALA B 469 4.31 15.45 36.36
C ALA B 469 3.47 16.33 35.42
N HIS B 470 2.28 15.92 34.99
CA HIS B 470 1.44 16.66 34.01
C HIS B 470 0.03 16.91 34.57
N PRO B 471 -0.11 17.68 35.67
CA PRO B 471 -1.41 17.93 36.27
C PRO B 471 -2.39 18.65 35.33
N ASP B 472 -1.89 19.55 34.47
CA ASP B 472 -2.74 20.36 33.54
C ASP B 472 -3.43 19.43 32.54
N GLN B 473 -2.67 18.46 32.00
CA GLN B 473 -3.12 17.47 30.97
C GLN B 473 -4.23 16.60 31.60
N CYS B 474 -3.91 15.97 32.73
CA CYS B 474 -4.86 15.21 33.59
C CYS B 474 -6.20 15.95 33.72
N ARG B 475 -6.20 17.15 34.30
CA ARG B 475 -7.42 17.99 34.51
C ARG B 475 -8.19 18.16 33.19
N GLU B 476 -7.51 18.48 32.09
CA GLU B 476 -8.17 18.71 30.77
C GLU B 476 -8.78 17.37 30.28
N MET B 477 -8.11 16.24 30.52
CA MET B 477 -8.61 14.88 30.17
C MET B 477 -9.90 14.61 30.96
N ILE B 478 -9.83 14.77 32.28
CA ILE B 478 -10.99 14.57 33.21
C ILE B 478 -12.17 15.39 32.69
N ARG B 479 -11.92 16.61 32.23
CA ARG B 479 -12.99 17.54 31.75
C ARG B 479 -13.52 17.06 30.38
N GLU B 480 -12.65 16.66 29.44
CA GLU B 480 -13.08 16.13 28.12
C GLU B 480 -13.91 14.85 28.34
N MET B 481 -13.36 13.91 29.12
CA MET B 481 -13.98 12.59 29.48
C MET B 481 -15.39 12.83 30.04
N SER B 482 -15.50 13.67 31.06
CA SER B 482 -16.77 14.06 31.74
C SER B 482 -17.78 14.59 30.71
N ALA B 483 -17.33 15.44 29.78
CA ALA B 483 -18.18 16.03 28.73
C ALA B 483 -18.65 14.93 27.76
N ARG B 484 -17.76 14.02 27.34
CA ARG B 484 -18.11 12.95 26.36
C ARG B 484 -19.08 11.94 27.01
N LEU B 485 -18.79 11.50 28.23
CA LEU B 485 -19.70 10.66 29.04
C LEU B 485 -21.10 11.30 29.04
N GLU B 486 -21.19 12.61 29.30
CA GLU B 486 -22.49 13.34 29.22
C GLU B 486 -22.99 13.27 27.77
N LYS B 487 -22.14 13.62 26.79
CA LYS B 487 -22.51 13.62 25.35
C LYS B 487 -23.09 12.24 25.00
N GLU B 488 -22.52 11.16 25.52
CA GLU B 488 -22.88 9.75 25.15
C GLU B 488 -24.03 9.22 26.02
N GLY B 489 -24.53 10.00 26.99
CA GLY B 489 -25.62 9.60 27.90
C GLY B 489 -25.23 8.47 28.85
N ALA B 490 -23.97 8.42 29.30
CA ALA B 490 -23.43 7.37 30.18
C ALA B 490 -24.24 7.26 31.47
N LEU B 491 -24.28 6.06 32.06
CA LEU B 491 -24.83 5.82 33.42
C LEU B 491 -23.67 5.63 34.39
N TYR B 492 -23.77 6.21 35.59
CA TYR B 492 -22.66 6.31 36.56
C TYR B 492 -22.80 5.23 37.63
N PRO B 493 -21.69 4.83 38.25
CA PRO B 493 -21.75 3.98 39.43
C PRO B 493 -22.38 4.78 40.57
N VAL B 494 -22.78 4.11 41.65
CA VAL B 494 -23.49 4.72 42.81
C VAL B 494 -22.77 4.27 44.09
N ASP B 495 -22.80 5.08 45.15
CA ASP B 495 -22.32 4.66 46.49
C ASP B 495 -23.38 3.73 47.11
N LYS B 496 -23.14 3.29 48.35
CA LYS B 496 -24.03 2.41 49.14
C LYS B 496 -25.44 2.98 49.22
N GLN B 497 -25.61 4.31 49.25
CA GLN B 497 -26.92 4.98 49.46
C GLN B 497 -27.57 5.28 48.10
N GLY B 498 -26.89 5.00 46.99
CA GLY B 498 -27.45 5.17 45.63
C GLY B 498 -27.19 6.52 45.01
N ASN B 499 -26.31 7.35 45.60
CA ASN B 499 -25.91 8.66 45.03
C ASN B 499 -25.06 8.41 43.78
N GLU B 500 -25.44 9.03 42.66
CA GLU B 500 -24.77 8.93 41.34
C GLU B 500 -23.40 9.61 41.44
N LEU B 501 -22.34 8.94 40.99
CA LEU B 501 -20.92 9.40 41.08
C LEU B 501 -20.41 9.80 39.70
N LYS B 502 -20.61 11.06 39.32
CA LYS B 502 -20.01 11.69 38.12
C LYS B 502 -18.53 11.94 38.38
N PRO B 503 -17.65 11.90 37.35
CA PRO B 503 -16.25 12.24 37.53
C PRO B 503 -16.09 13.76 37.67
N PHE B 504 -15.07 14.20 38.40
CA PHE B 504 -14.82 15.65 38.68
C PHE B 504 -13.32 15.89 38.89
N VAL B 505 -12.90 17.11 38.56
CA VAL B 505 -11.50 17.60 38.77
C VAL B 505 -11.30 17.76 40.28
N TYR B 506 -10.58 16.84 40.93
CA TYR B 506 -10.51 16.73 42.41
C TYR B 506 -9.12 17.14 42.92
N PHE B 507 -8.20 17.55 42.03
CA PHE B 507 -6.75 17.75 42.29
C PHE B 507 -6.46 19.25 42.45
#